data_8ODX
#
_entry.id   8ODX
#
_cell.length_a   231.402
_cell.length_b   231.402
_cell.length_c   231.402
_cell.angle_alpha   90.000
_cell.angle_beta   90.000
_cell.angle_gamma   90.000
#
_symmetry.space_group_name_H-M   'P 41 3 2'
#
loop_
_entity.id
_entity.type
_entity.pdbx_description
1 polymer 'Interleukin-12 receptor subunit beta-1'
2 polymer 'FAb4 Heavy chain'
3 polymer 'anti Kappa Light chain VHH'
4 polymer 'FAb4 Light chain'
#
loop_
_entity_poly.entity_id
_entity_poly.type
_entity_poly.pdbx_seq_one_letter_code
_entity_poly.pdbx_strand_id
1 'polypeptide(L)'
;MGILPSPGMPALLSLVSLLSVLLMGCVAEPPENPPQPQVRFSVEQLGQDGRRRLTLKEQPTQLELPEGCQGLAPGTEVTY
RLQLHMLSCPCKAKATRTLHLGKMPYLSGAAYNVAVISSNQFGPGLNQTWHIPADTHTEPVALNISVGTNGTTMYWPARA
QSMTYCIEWQPVGQDGGLATCSLTAPQDPDPAGMATYSWSRESGAMGQEKCYYITIFASAHPEKLTLWSTVLSTYHFGGN
ASAAGTPHHVSVKNHSLDSVSVDWAPSLLSTCPGVLKEYVVRCRDEDSKQVSEHPVQPTETQVTLSGLRAGVAYTVQVRA
DTAWLRGVWSQPQRFSIEGTSDEVDGGSGGSGLNDIFEAQKIEWHEGRTKHHHHHH
;
A
2 'polypeptide(L)'
;MGWSCIILFLVATATGVHSQVQLVESGGGVVQPGRSLRLSCAASGFTFTSYGMSWVRQAPGKGLEWVAGISYDASDTEYA
DSVKGRFTISRDNSKNTLYLQMNSLRAEDTAVYYCARSPDYIIDYGFDYWGRGTLVTVSSASTKGPSVFPLAPSSKSTSG
GTAALGCLVKDYFPEPVTVSWNSGALTSGVHTFPAVLQSSGLYSLSSVVTVPSSSLGTQTYICNVNHKPSNTKVDKRVEP
KSCGHHHHHH
;
H
3 'polypeptide(L)'
;MGKYLLPTAAAGLLLLAAQPAMAHHHHHHSSGLVPRGSHMSDEVDGQVQLQESGGGLVQPGGSLRLSCAASGRTISRYAM
SWFRQAPGKEREFVAVARRSGDGAFYADSVQGRFTVSRDDAKNTVYLQMNSLKPEDTAVYYCAIDSDTFYSGSYDYWGQG
TQVTVSS
;
K
4 'polypeptide(L)'
;MGVKVLFALICIAVAEAAIQMTQSPSSLSASVGDRVTITCRASQGISSDLAWYQQKPGKAPKLLIYDASSLQSGVPSRFS
GSGSGTDFTLTISSLQPEDFATYYCQQYWWYPFTFGQGTKVEIKRTVAAPSVFIFPPSDEQLKSGTASVVCLLNNFYPRE
AKVQWKVDNALQSGNSQESVTEQDSKDSTYSLSSTLTLSKADYEKHKVYACEVTHQGLSSPVTKSFNRGEC
;
L
#
# COMPACT_ATOMS: atom_id res chain seq x y z
N PRO A 37 -27.98 -0.09 23.44
CA PRO A 37 -27.63 0.62 24.67
C PRO A 37 -27.59 2.14 24.44
N GLN A 38 -27.17 2.90 25.45
CA GLN A 38 -27.08 4.39 25.32
C GLN A 38 -25.62 4.81 25.49
N VAL A 39 -25.11 5.65 24.58
CA VAL A 39 -23.68 6.06 24.63
C VAL A 39 -23.60 7.59 24.66
N ARG A 40 -22.71 8.11 25.51
CA ARG A 40 -22.44 9.55 25.62
C ARG A 40 -20.96 9.81 25.40
N PHE A 41 -20.68 10.91 24.70
CA PHE A 41 -19.35 11.29 24.29
C PHE A 41 -18.69 12.14 25.37
N SER A 42 -17.36 12.18 25.33
CA SER A 42 -16.62 13.16 26.11
C SER A 42 -15.51 13.74 25.22
N VAL A 43 -15.04 14.93 25.56
CA VAL A 43 -13.99 15.58 24.79
C VAL A 43 -12.96 16.22 25.73
N GLU A 44 -11.69 16.09 25.37
CA GLU A 44 -10.61 16.78 26.08
C GLU A 44 -10.60 18.25 25.72
N GLN A 45 -9.96 19.05 26.56
CA GLN A 45 -9.66 20.41 26.16
C GLN A 45 -8.57 20.40 25.09
N LEU A 46 -8.56 21.46 24.28
CA LEU A 46 -7.58 21.57 23.19
C LEU A 46 -6.16 21.64 23.74
N GLY A 47 -5.31 20.71 23.29
CA GLY A 47 -3.94 20.66 23.73
C GLY A 47 -3.02 21.57 22.91
N GLN A 48 -1.73 21.57 23.30
CA GLN A 48 -0.76 22.38 22.60
C GLN A 48 -0.60 21.99 21.14
N ASP A 49 -0.93 20.76 20.78
CA ASP A 49 -0.86 20.31 19.40
C ASP A 49 -2.08 20.70 18.57
N GLY A 50 -3.06 21.38 19.15
CA GLY A 50 -4.28 21.66 18.42
C GLY A 50 -5.18 20.46 18.24
N ARG A 51 -5.05 19.47 19.11
CA ARG A 51 -5.84 18.26 19.05
C ARG A 51 -6.59 18.06 20.36
N ARG A 52 -7.64 17.24 20.30
CA ARG A 52 -8.39 16.84 21.47
C ARG A 52 -9.03 15.50 21.13
N ARG A 53 -8.95 14.57 22.07
CA ARG A 53 -9.43 13.22 21.80
C ARG A 53 -10.91 13.13 22.19
N LEU A 54 -11.74 12.74 21.24
CA LEU A 54 -13.13 12.40 21.48
C LEU A 54 -13.23 10.97 22.01
N THR A 55 -13.63 10.84 23.27
CA THR A 55 -13.78 9.56 23.96
C THR A 55 -15.27 9.21 24.09
N LEU A 56 -15.53 7.97 24.51
CA LEU A 56 -16.87 7.40 24.49
C LEU A 56 -17.13 6.53 25.71
N LYS A 57 -18.37 6.57 26.20
CA LYS A 57 -18.81 5.82 27.37
C LYS A 57 -20.24 5.33 27.17
N GLU A 58 -20.50 4.12 27.67
CA GLU A 58 -21.76 3.40 27.48
C GLU A 58 -22.58 3.39 28.76
N GLN A 59 -23.75 4.03 28.72
CA GLN A 59 -24.70 4.04 29.85
C GLN A 59 -26.14 3.93 29.35
N PRO A 60 -26.64 2.71 29.16
CA PRO A 60 -28.04 2.49 28.76
C PRO A 60 -29.00 2.49 29.94
N GLU A 77 -25.75 -11.01 16.39
CA GLU A 77 -24.59 -10.08 16.51
C GLU A 77 -25.08 -8.64 16.30
N VAL A 78 -24.53 -7.69 17.06
CA VAL A 78 -24.94 -6.26 16.94
C VAL A 78 -23.72 -5.43 16.56
N THR A 79 -23.87 -4.52 15.59
CA THR A 79 -22.72 -3.68 15.13
C THR A 79 -22.96 -2.23 15.54
N TYR A 80 -21.95 -1.58 16.12
CA TYR A 80 -22.07 -0.16 16.53
C TYR A 80 -21.04 0.66 15.75
N ARG A 81 -21.43 1.80 15.18
CA ARG A 81 -20.48 2.57 14.32
C ARG A 81 -20.58 4.08 14.57
N LEU A 82 -19.63 4.85 14.03
CA LEU A 82 -19.59 6.30 14.19
C LEU A 82 -19.43 7.03 12.87
N GLN A 83 -20.29 8.02 12.64
CA GLN A 83 -20.20 8.90 11.49
C GLN A 83 -19.78 10.27 11.98
N LEU A 84 -18.69 10.79 11.40
CA LEU A 84 -18.04 12.02 11.85
C LEU A 84 -18.02 13.06 10.74
N HIS A 85 -18.58 14.24 11.01
CA HIS A 85 -18.69 15.31 10.04
C HIS A 85 -18.04 16.57 10.60
N MET A 86 -16.98 17.04 9.94
CA MET A 86 -16.29 18.27 10.34
C MET A 86 -16.93 19.47 9.66
N LEU A 87 -17.50 20.37 10.45
CA LEU A 87 -18.24 21.50 9.90
C LEU A 87 -17.32 22.65 9.49
N SER A 88 -16.30 22.95 10.30
CA SER A 88 -15.40 24.07 10.03
C SER A 88 -14.56 23.80 8.79
N CYS A 89 -14.08 24.90 8.18
CA CYS A 89 -13.32 24.87 6.93
C CYS A 89 -14.16 24.18 5.87
N PRO A 90 -15.25 24.80 5.39
CA PRO A 90 -16.13 24.11 4.45
C PRO A 90 -15.52 23.89 3.08
N CYS A 91 -14.45 24.60 2.74
CA CYS A 91 -13.84 24.51 1.42
C CYS A 91 -12.87 23.34 1.30
N LYS A 92 -12.82 22.46 2.28
CA LYS A 92 -12.00 21.26 2.20
C LYS A 92 -12.72 20.21 1.36
N ALA A 93 -11.94 19.31 0.77
CA ALA A 93 -12.51 18.34 -0.16
C ALA A 93 -13.23 17.19 0.55
N LYS A 94 -12.65 16.68 1.63
CA LYS A 94 -13.21 15.56 2.39
C LYS A 94 -13.73 16.05 3.74
N ALA A 95 -15.03 15.83 3.99
CA ALA A 95 -15.69 16.34 5.18
C ALA A 95 -16.26 15.28 6.11
N THR A 96 -16.47 14.03 5.65
CA THR A 96 -17.05 13.01 6.51
C THR A 96 -16.22 11.73 6.45
N ARG A 97 -16.28 10.98 7.55
CA ARG A 97 -15.69 9.65 7.65
C ARG A 97 -16.52 8.79 8.58
N THR A 98 -16.70 7.52 8.23
CA THR A 98 -17.36 6.56 9.11
C THR A 98 -16.31 5.73 9.83
N LEU A 99 -16.39 5.67 11.16
CA LEU A 99 -15.36 5.02 11.97
C LEU A 99 -15.98 3.99 12.90
N HIS A 100 -15.14 3.05 13.34
CA HIS A 100 -15.52 2.17 14.44
C HIS A 100 -15.60 2.96 15.74
N LEU A 101 -16.57 2.59 16.59
CA LEU A 101 -16.77 3.31 17.84
C LEU A 101 -15.55 3.24 18.75
N GLY A 102 -14.82 2.12 18.71
CA GLY A 102 -13.77 1.88 19.69
C GLY A 102 -12.52 2.69 19.47
N LYS A 103 -12.26 3.10 18.23
CA LYS A 103 -11.10 3.95 17.97
C LYS A 103 -11.54 5.38 18.19
N MET A 104 -10.75 6.12 18.95
CA MET A 104 -11.19 7.41 19.46
C MET A 104 -10.25 8.46 18.90
N PRO A 105 -10.63 9.14 17.83
CA PRO A 105 -9.67 9.97 17.10
C PRO A 105 -9.35 11.24 17.87
N TYR A 106 -8.25 11.87 17.48
CA TYR A 106 -7.87 13.16 18.02
C TYR A 106 -8.40 14.23 17.08
N LEU A 107 -9.52 14.85 17.45
CA LEU A 107 -10.09 15.90 16.62
C LEU A 107 -9.32 17.20 16.78
N SER A 108 -9.69 18.19 15.99
CA SER A 108 -9.17 19.54 16.16
C SER A 108 -10.15 20.34 17.00
N GLY A 109 -9.92 21.64 17.13
CA GLY A 109 -10.87 22.52 17.78
C GLY A 109 -12.05 22.93 16.93
N ALA A 110 -12.18 22.36 15.74
CA ALA A 110 -13.27 22.69 14.84
C ALA A 110 -14.60 22.18 15.41
N ALA A 111 -15.69 22.65 14.80
CA ALA A 111 -17.01 22.14 15.12
C ALA A 111 -17.27 20.84 14.35
N TYR A 112 -17.87 19.87 15.04
CA TYR A 112 -18.16 18.57 14.45
C TYR A 112 -19.61 18.18 14.71
N ASN A 113 -20.17 17.41 13.79
CA ASN A 113 -21.38 16.61 14.02
C ASN A 113 -20.97 15.15 14.09
N VAL A 114 -21.25 14.51 15.22
CA VAL A 114 -20.98 13.08 15.43
C VAL A 114 -22.30 12.37 15.67
N ALA A 115 -22.48 11.21 15.02
CA ALA A 115 -23.71 10.44 15.11
C ALA A 115 -23.38 8.96 15.20
N VAL A 116 -24.09 8.26 16.08
CA VAL A 116 -23.81 6.82 16.31
C VAL A 116 -24.71 5.99 15.39
N ILE A 117 -24.12 5.04 14.65
CA ILE A 117 -24.92 4.16 13.76
C ILE A 117 -24.83 2.75 14.35
N SER A 118 -25.95 2.02 14.38
CA SER A 118 -25.89 0.61 14.87
C SER A 118 -26.46 -0.35 13.82
N SER A 119 -25.75 -1.44 13.54
CA SER A 119 -26.18 -2.40 12.49
C SER A 119 -26.47 -3.78 13.10
N ASN A 120 -27.58 -4.39 12.73
CA ASN A 120 -27.92 -5.75 13.24
C ASN A 120 -28.92 -6.41 12.30
N PRO A 124 -31.16 -3.86 11.59
CA PRO A 124 -31.56 -2.45 11.67
C PRO A 124 -30.53 -1.61 12.43
N GLY A 125 -30.98 -0.73 13.35
CA GLY A 125 -30.09 0.11 14.16
C GLY A 125 -30.80 1.36 14.67
N LEU A 126 -30.05 2.32 15.21
CA LEU A 126 -30.67 3.54 15.80
C LEU A 126 -29.55 4.53 15.43
N ASN A 127 -29.87 5.83 15.44
CA ASN A 127 -28.88 6.89 15.14
C ASN A 127 -29.13 8.11 16.04
N GLN A 128 -28.10 8.59 16.73
CA GLN A 128 -28.23 9.80 17.59
C GLN A 128 -27.07 10.74 17.25
N THR A 129 -27.23 12.04 17.46
CA THR A 129 -26.19 12.97 17.05
C THR A 129 -25.94 14.00 18.14
N TRP A 130 -24.67 14.36 18.33
CA TRP A 130 -24.28 15.41 19.26
C TRP A 130 -23.41 16.36 18.46
N HIS A 131 -23.72 17.65 18.53
CA HIS A 131 -22.94 18.72 17.92
C HIS A 131 -21.83 19.17 18.85
N ILE A 132 -20.60 18.76 18.54
CA ILE A 132 -19.42 19.06 19.34
C ILE A 132 -19.06 20.53 19.14
N PRO A 133 -19.10 21.33 20.22
CA PRO A 133 -18.80 22.76 20.09
C PRO A 133 -17.34 23.01 19.76
N ALA A 134 -17.08 24.11 19.05
CA ALA A 134 -15.69 24.39 18.61
C ALA A 134 -14.93 25.14 19.69
N ASP A 135 -14.28 24.41 20.62
CA ASP A 135 -13.43 25.09 21.63
C ASP A 135 -12.29 25.79 20.88
N THR A 136 -12.01 27.04 21.22
CA THR A 136 -10.99 27.79 20.44
C THR A 136 -9.90 28.35 21.37
N HIS A 137 -8.63 28.08 21.07
CA HIS A 137 -7.52 28.68 21.85
C HIS A 137 -7.42 30.16 21.49
N THR A 138 -6.95 30.99 22.43
CA THR A 138 -6.77 32.43 22.12
C THR A 138 -5.27 32.74 22.05
N GLU A 139 -4.80 33.27 20.91
CA GLU A 139 -3.38 33.67 20.78
C GLU A 139 -3.25 35.12 21.23
N PRO A 140 -2.63 35.41 22.39
CA PRO A 140 -2.56 36.79 22.90
C PRO A 140 -1.82 37.70 21.95
N VAL A 141 -0.88 37.16 21.18
CA VAL A 141 -0.14 37.98 20.22
C VAL A 141 -0.96 38.05 18.94
N ALA A 142 -1.26 39.26 18.50
CA ALA A 142 -2.02 39.46 17.27
C ALA A 142 -1.16 39.13 16.06
N LEU A 143 -1.80 38.63 15.01
CA LEU A 143 -1.07 38.28 13.80
C LEU A 143 -0.83 39.52 12.96
N ASN A 144 0.28 39.51 12.22
CA ASN A 144 0.61 40.59 11.29
C ASN A 144 -0.28 40.39 10.06
N ILE A 145 -1.47 40.97 10.14
CA ILE A 145 -2.43 41.01 9.05
C ILE A 145 -2.42 42.43 8.52
N SER A 146 -2.08 42.57 7.24
CA SER A 146 -1.92 43.85 6.59
C SER A 146 -2.91 43.96 5.44
N VAL A 147 -3.83 44.91 5.55
CA VAL A 147 -4.79 45.19 4.49
C VAL A 147 -4.29 46.43 3.77
N GLY A 148 -4.14 46.34 2.45
CA GLY A 148 -3.53 47.43 1.72
C GLY A 148 -4.08 47.71 0.34
N THR A 149 -3.40 48.61 -0.38
CA THR A 149 -3.87 49.06 -1.69
C THR A 149 -3.92 47.93 -2.71
N ASN A 150 -3.02 46.95 -2.60
CA ASN A 150 -2.89 45.91 -3.61
C ASN A 150 -3.45 44.57 -3.17
N GLY A 151 -3.90 44.46 -1.94
CA GLY A 151 -4.45 43.22 -1.46
C GLY A 151 -4.26 43.11 0.03
N THR A 152 -4.40 41.89 0.52
CA THR A 152 -4.32 41.61 1.95
C THR A 152 -3.37 40.43 2.11
N THR A 153 -2.57 40.49 3.18
CA THR A 153 -1.55 39.49 3.46
C THR A 153 -1.61 39.08 4.92
N MET A 154 -1.37 37.80 5.18
CA MET A 154 -1.37 37.24 6.53
C MET A 154 -0.01 36.60 6.80
N TYR A 155 0.33 36.54 8.10
CA TYR A 155 1.49 35.80 8.56
C TYR A 155 1.10 35.10 9.84
N TRP A 156 1.45 33.82 9.96
CA TRP A 156 1.12 33.06 11.16
C TRP A 156 2.27 32.08 11.43
N PRO A 157 2.43 31.67 12.69
CA PRO A 157 3.56 30.78 13.03
C PRO A 157 3.41 29.42 12.38
N ALA A 158 4.39 29.04 11.56
CA ALA A 158 4.32 27.73 10.91
C ALA A 158 4.91 26.67 11.84
N ARG A 159 4.60 25.41 11.51
CA ARG A 159 5.10 24.28 12.27
C ARG A 159 6.05 23.42 11.45
N ALA A 160 5.68 22.17 11.18
CA ALA A 160 6.51 21.30 10.37
C ALA A 160 6.38 21.63 8.88
N GLN A 161 7.23 21.01 8.08
CA GLN A 161 7.29 21.25 6.65
C GLN A 161 6.09 20.63 5.94
N SER A 162 5.94 21.01 4.67
CA SER A 162 4.91 20.47 3.77
C SER A 162 3.55 20.42 4.45
N MET A 163 3.16 21.55 5.04
CA MET A 163 1.89 21.64 5.74
C MET A 163 0.86 22.37 4.88
N THR A 164 -0.36 21.86 4.89
CA THR A 164 -1.48 22.49 4.20
C THR A 164 -2.30 23.20 5.25
N TYR A 165 -2.61 24.48 4.99
CA TYR A 165 -3.31 25.32 5.95
C TYR A 165 -4.66 25.73 5.41
N CYS A 166 -5.65 25.80 6.29
CA CYS A 166 -6.96 26.33 5.94
C CYS A 166 -7.22 27.56 6.79
N ILE A 167 -7.45 28.70 6.12
CA ILE A 167 -7.75 29.96 6.79
C ILE A 167 -9.22 30.25 6.62
N GLU A 168 -9.91 30.48 7.74
CA GLU A 168 -11.35 30.68 7.75
C GLU A 168 -11.68 31.92 8.58
N TRP A 169 -12.52 32.81 8.04
CA TRP A 169 -12.91 33.99 8.79
C TRP A 169 -14.34 34.35 8.42
N GLN A 170 -15.00 35.09 9.31
CA GLN A 170 -16.39 35.47 9.07
C GLN A 170 -16.59 36.76 9.85
N PRO A 171 -17.29 37.75 9.32
CA PRO A 171 -17.56 38.96 10.14
C PRO A 171 -18.47 38.77 11.35
N VAL A 172 -17.94 39.26 12.49
CA VAL A 172 -18.55 39.22 13.82
C VAL A 172 -19.78 40.12 13.92
N GLY A 173 -20.81 39.65 14.63
CA GLY A 173 -22.01 40.43 14.85
C GLY A 173 -22.93 40.68 13.68
N GLN A 174 -22.50 40.44 12.45
CA GLN A 174 -23.51 40.05 11.47
C GLN A 174 -23.59 38.54 11.63
N ASP A 175 -23.74 38.10 12.89
CA ASP A 175 -23.34 36.78 13.36
C ASP A 175 -23.88 35.69 12.46
N GLY A 176 -22.99 35.15 11.64
CA GLY A 176 -23.36 34.43 10.45
C GLY A 176 -22.89 35.19 9.21
N GLY A 177 -23.59 34.99 8.11
CA GLY A 177 -23.28 35.75 6.91
C GLY A 177 -22.03 35.27 6.20
N LEU A 178 -21.29 36.25 5.67
CA LEU A 178 -20.18 36.04 4.74
C LEU A 178 -19.09 35.14 5.31
N ALA A 179 -19.33 33.83 5.32
CA ALA A 179 -18.35 32.88 5.84
C ALA A 179 -17.32 32.60 4.76
N THR A 180 -16.10 33.08 4.98
CA THR A 180 -15.02 32.94 4.03
C THR A 180 -14.08 31.79 4.45
N CYS A 181 -13.61 31.03 3.45
CA CYS A 181 -12.78 29.85 3.63
C CYS A 181 -11.64 29.83 2.62
N SER A 182 -10.43 29.50 3.06
CA SER A 182 -9.29 29.45 2.15
C SER A 182 -8.36 28.28 2.44
N LEU A 183 -7.95 27.59 1.38
CA LEU A 183 -7.08 26.43 1.48
C LEU A 183 -5.81 26.71 0.72
N THR A 184 -4.67 26.59 1.39
CA THR A 184 -3.36 26.88 0.81
C THR A 184 -2.74 25.61 0.24
N ALA A 185 -1.80 25.80 -0.69
CA ALA A 185 -0.97 24.70 -1.12
C ALA A 185 0.04 24.37 -0.02
N PRO A 186 0.58 23.15 -0.02
CA PRO A 186 1.61 22.81 0.98
C PRO A 186 2.79 23.76 0.90
N GLN A 187 3.24 24.22 2.06
CA GLN A 187 4.32 25.20 2.14
C GLN A 187 5.12 24.97 3.42
N ASP A 188 6.40 25.35 3.36
CA ASP A 188 7.32 25.23 4.47
C ASP A 188 7.42 26.54 5.23
N PRO A 189 7.93 26.52 6.46
CA PRO A 189 8.18 27.77 7.19
C PRO A 189 9.28 28.60 6.53
N ASP A 190 9.11 29.93 6.58
CA ASP A 190 10.15 30.83 6.13
C ASP A 190 11.26 30.86 7.17
N PRO A 191 12.40 31.50 6.87
CA PRO A 191 13.49 31.56 7.87
C PRO A 191 13.07 32.12 9.22
N ALA A 192 11.97 32.87 9.30
CA ALA A 192 11.45 33.39 10.55
C ALA A 192 10.45 32.46 11.22
N GLY A 193 10.15 31.32 10.61
CA GLY A 193 9.20 30.36 11.15
C GLY A 193 7.73 30.70 10.91
N MET A 194 7.43 31.40 9.83
CA MET A 194 6.08 31.85 9.53
C MET A 194 5.63 31.31 8.19
N ALA A 195 4.35 31.01 8.08
CA ALA A 195 3.70 30.78 6.80
C ALA A 195 2.90 32.02 6.40
N THR A 196 2.58 32.11 5.12
CA THR A 196 1.93 33.30 4.60
C THR A 196 0.95 32.92 3.51
N TYR A 197 0.00 33.81 3.27
CA TYR A 197 -0.91 33.72 2.14
C TYR A 197 -1.45 35.11 1.87
N SER A 198 -1.84 35.35 0.62
CA SER A 198 -2.29 36.66 0.18
C SER A 198 -3.51 36.53 -0.73
N TRP A 199 -4.29 37.62 -0.75
CA TRP A 199 -5.49 37.76 -1.54
C TRP A 199 -5.36 39.02 -2.37
N SER A 200 -5.99 39.04 -3.53
CA SER A 200 -5.98 40.25 -4.33
C SER A 200 -6.84 41.33 -3.69
N ARG A 201 -6.67 42.57 -4.14
CA ARG A 201 -7.51 43.64 -3.61
C ARG A 201 -8.97 43.37 -3.88
N GLU A 202 -9.29 42.83 -5.07
CA GLU A 202 -10.67 42.54 -5.36
C GLU A 202 -11.26 41.60 -4.32
N SER A 203 -10.46 40.70 -3.77
CA SER A 203 -10.91 39.76 -2.76
C SER A 203 -11.23 40.54 -1.48
N GLY A 204 -12.48 40.53 -1.03
CA GLY A 204 -12.82 41.36 0.11
C GLY A 204 -12.23 40.84 1.39
N ALA A 205 -11.03 40.22 1.32
CA ALA A 205 -10.49 39.59 2.51
C ALA A 205 -10.26 40.65 3.57
N MET A 206 -11.18 40.68 4.53
CA MET A 206 -11.17 41.64 5.63
C MET A 206 -11.00 43.06 5.09
N GLY A 207 -11.62 43.34 3.94
CA GLY A 207 -11.47 44.68 3.40
C GLY A 207 -12.43 45.69 3.97
N GLN A 208 -13.46 45.20 4.66
CA GLN A 208 -14.46 46.07 5.25
C GLN A 208 -14.09 46.37 6.69
N GLU A 209 -14.29 47.62 7.09
CA GLU A 209 -13.91 48.07 8.42
C GLU A 209 -14.83 47.45 9.48
N LYS A 210 -14.66 46.16 9.75
CA LYS A 210 -15.47 45.43 10.71
C LYS A 210 -14.58 44.46 11.48
N CYS A 211 -15.11 43.90 12.57
CA CYS A 211 -14.40 42.89 13.35
C CYS A 211 -14.61 41.51 12.76
N TYR A 212 -13.51 40.83 12.44
CA TYR A 212 -13.51 39.50 11.85
C TYR A 212 -13.00 38.49 12.86
N TYR A 213 -13.60 37.30 12.87
CA TYR A 213 -13.13 36.18 13.67
C TYR A 213 -12.45 35.18 12.74
N ILE A 214 -11.21 34.82 13.07
CA ILE A 214 -10.38 34.01 12.19
C ILE A 214 -9.98 32.74 12.92
N THR A 215 -10.01 31.61 12.20
CA THR A 215 -9.50 30.34 12.68
C THR A 215 -8.65 29.69 11.60
N ILE A 216 -7.47 29.19 11.97
CA ILE A 216 -6.55 28.55 11.03
C ILE A 216 -6.38 27.09 11.45
N PHE A 217 -6.45 26.18 10.50
CA PHE A 217 -6.23 24.76 10.74
C PHE A 217 -5.03 24.28 9.92
N ALA A 218 -4.43 23.18 10.37
CA ALA A 218 -3.28 22.61 9.69
C ALA A 218 -3.41 21.09 9.62
N SER A 219 -2.88 20.53 8.55
CA SER A 219 -2.82 19.08 8.37
C SER A 219 -1.71 18.75 7.38
N ALA A 220 -0.93 17.74 7.70
CA ALA A 220 0.03 17.21 6.73
C ALA A 220 -0.61 16.27 5.73
N HIS A 221 -1.84 15.83 5.99
CA HIS A 221 -2.59 14.96 5.09
C HIS A 221 -4.03 15.44 5.09
N PRO A 222 -4.31 16.51 4.34
CA PRO A 222 -5.66 17.11 4.38
C PRO A 222 -6.76 16.19 3.89
N GLU A 223 -6.42 15.12 3.18
CA GLU A 223 -7.43 14.16 2.72
C GLU A 223 -7.87 13.21 3.82
N LYS A 224 -7.19 13.20 4.96
CA LYS A 224 -7.56 12.39 6.11
C LYS A 224 -8.26 13.29 7.14
N LEU A 225 -9.55 13.06 7.32
CA LEU A 225 -10.37 13.98 8.10
C LEU A 225 -9.91 14.04 9.56
N THR A 226 -9.52 12.89 10.12
CA THR A 226 -9.19 12.82 11.54
C THR A 226 -7.75 13.24 11.84
N LEU A 227 -7.10 13.97 10.94
CA LEU A 227 -5.72 14.42 11.15
C LEU A 227 -5.63 15.94 11.20
N TRP A 228 -6.74 16.64 11.17
CA TRP A 228 -6.70 18.09 11.27
C TRP A 228 -6.35 18.53 12.69
N SER A 229 -5.61 19.63 12.78
CA SER A 229 -5.26 20.23 14.05
C SER A 229 -5.55 21.72 14.01
N THR A 230 -5.82 22.27 15.19
CA THR A 230 -6.03 23.70 15.33
C THR A 230 -4.68 24.40 15.49
N VAL A 231 -4.50 25.50 14.76
CA VAL A 231 -3.29 26.30 14.89
C VAL A 231 -3.60 27.39 15.91
N LEU A 232 -4.51 28.29 15.56
CA LEU A 232 -4.87 29.37 16.46
C LEU A 232 -6.19 29.95 16.01
N SER A 233 -6.82 30.71 16.90
CA SER A 233 -7.93 31.59 16.57
C SER A 233 -7.65 32.98 17.08
N THR A 234 -8.17 33.97 16.36
CA THR A 234 -7.85 35.36 16.69
C THR A 234 -8.92 36.26 16.07
N TYR A 235 -8.92 37.51 16.52
CA TYR A 235 -9.80 38.54 16.02
C TYR A 235 -8.97 39.59 15.30
N HIS A 236 -9.57 40.18 14.28
CA HIS A 236 -8.89 41.23 13.52
C HIS A 236 -9.94 42.19 13.00
N PHE A 237 -9.64 43.48 13.07
CA PHE A 237 -10.48 44.53 12.53
C PHE A 237 -9.94 44.89 11.16
N GLY A 238 -10.75 44.69 10.12
CA GLY A 238 -10.26 44.84 8.78
C GLY A 238 -10.23 46.29 8.29
N GLY A 239 -9.85 46.44 7.03
CA GLY A 239 -9.71 47.71 6.35
C GLY A 239 -8.59 48.53 6.95
N ASN A 240 -8.70 49.85 6.81
CA ASN A 240 -7.72 50.78 7.37
C ASN A 240 -8.07 51.00 8.84
N ALA A 241 -7.67 50.02 9.66
CA ALA A 241 -7.96 50.04 11.08
C ALA A 241 -7.32 51.21 11.80
N SER A 242 -6.12 51.62 11.34
CA SER A 242 -5.45 52.75 11.99
C SER A 242 -6.31 54.01 11.93
N ALA A 243 -6.92 54.30 10.78
CA ALA A 243 -7.76 55.49 10.68
C ALA A 243 -9.10 55.28 11.37
N ALA A 244 -9.73 54.12 11.16
CA ALA A 244 -11.05 53.86 11.73
C ALA A 244 -11.02 53.79 13.25
N GLY A 245 -9.88 53.41 13.83
CA GLY A 245 -9.74 53.28 15.26
C GLY A 245 -9.58 54.56 16.05
N THR A 246 -9.54 55.70 15.36
CA THR A 246 -9.31 56.98 16.04
C THR A 246 -10.41 57.22 17.06
N PRO A 247 -10.06 57.52 18.31
CA PRO A 247 -11.10 57.79 19.32
C PRO A 247 -11.88 59.05 18.99
N HIS A 248 -13.17 59.03 19.37
CA HIS A 248 -14.06 60.14 19.11
C HIS A 248 -14.44 60.80 20.43
N HIS A 249 -14.97 62.02 20.32
CA HIS A 249 -15.48 62.76 21.48
C HIS A 249 -14.40 62.93 22.54
N VAL A 250 -13.20 63.29 22.12
CA VAL A 250 -12.14 63.62 23.06
C VAL A 250 -12.47 64.93 23.75
N SER A 251 -12.37 64.94 25.09
CA SER A 251 -12.73 66.11 25.87
C SER A 251 -11.71 66.29 26.97
N VAL A 252 -11.47 67.55 27.33
CA VAL A 252 -10.53 67.91 28.39
C VAL A 252 -11.30 68.69 29.44
N LYS A 253 -11.21 68.25 30.70
CA LYS A 253 -11.97 68.90 31.76
C LYS A 253 -11.03 69.24 32.91
N ASN A 254 -11.30 70.38 33.52
CA ASN A 254 -10.54 70.89 34.66
C ASN A 254 -10.74 70.01 35.89
N HIS A 255 -9.65 69.40 36.35
CA HIS A 255 -9.68 68.49 37.50
C HIS A 255 -9.15 69.15 38.77
N SER A 256 -8.14 70.02 38.65
CA SER A 256 -7.63 70.77 39.78
C SER A 256 -6.91 71.99 39.24
N LEU A 257 -6.30 72.74 40.15
CA LEU A 257 -5.57 73.94 39.77
C LEU A 257 -4.33 73.61 38.93
N ASP A 258 -3.86 72.36 38.95
CA ASP A 258 -2.66 71.97 38.23
C ASP A 258 -2.82 70.68 37.45
N SER A 259 -4.06 70.21 37.26
CA SER A 259 -4.28 68.92 36.62
C SER A 259 -5.56 69.00 35.80
N VAL A 260 -5.64 68.18 34.76
CA VAL A 260 -6.82 68.08 33.91
C VAL A 260 -7.18 66.61 33.73
N SER A 261 -8.47 66.35 33.52
CA SER A 261 -8.94 65.02 33.16
C SER A 261 -9.18 64.96 31.66
N VAL A 262 -8.63 63.94 31.00
CA VAL A 262 -8.84 63.71 29.57
C VAL A 262 -9.74 62.49 29.40
N ASP A 263 -10.84 62.64 28.67
CA ASP A 263 -11.76 61.55 28.42
C ASP A 263 -12.02 61.43 26.93
N TRP A 264 -12.26 60.20 26.48
CA TRP A 264 -12.59 59.97 25.09
C TRP A 264 -13.57 58.80 25.01
N ALA A 265 -14.28 58.72 23.89
CA ALA A 265 -15.13 57.56 23.68
C ALA A 265 -14.25 56.36 23.34
N PRO A 266 -14.67 55.15 23.72
CA PRO A 266 -13.87 53.96 23.39
C PRO A 266 -13.65 53.84 21.89
N SER A 267 -12.44 53.47 21.52
CA SER A 267 -12.14 53.26 20.11
C SER A 267 -13.01 52.12 19.57
N LEU A 268 -13.35 52.20 18.28
CA LEU A 268 -14.07 51.10 17.66
C LEU A 268 -13.27 49.80 17.74
N LEU A 269 -11.94 49.90 17.82
CA LEU A 269 -11.09 48.72 17.97
C LEU A 269 -11.33 47.99 19.28
N SER A 270 -11.79 48.70 20.32
CA SER A 270 -11.97 48.07 21.64
C SER A 270 -13.07 47.02 21.64
N THR A 271 -14.00 47.07 20.69
CA THR A 271 -15.06 46.06 20.59
C THR A 271 -14.58 44.75 19.99
N CYS A 272 -13.38 44.74 19.40
CA CYS A 272 -12.87 43.54 18.77
C CYS A 272 -11.83 42.93 19.69
N PRO A 273 -12.07 41.74 20.26
CA PRO A 273 -11.25 41.25 21.37
C PRO A 273 -9.77 41.10 21.01
N GLY A 274 -8.92 41.66 21.85
CA GLY A 274 -7.48 41.54 21.72
C GLY A 274 -6.85 42.44 20.70
N VAL A 275 -7.64 43.20 19.94
CA VAL A 275 -7.08 44.03 18.89
C VAL A 275 -6.45 45.27 19.51
N LEU A 276 -7.19 45.97 20.35
CA LEU A 276 -6.71 47.21 20.93
C LEU A 276 -5.61 46.88 21.93
N LYS A 277 -4.40 47.36 21.67
CA LYS A 277 -3.30 47.14 22.59
C LYS A 277 -3.34 48.14 23.73
N GLU A 278 -3.39 49.43 23.39
CA GLU A 278 -3.36 50.50 24.37
C GLU A 278 -3.79 51.78 23.68
N TYR A 279 -4.16 52.75 24.50
CA TYR A 279 -4.29 54.13 24.04
C TYR A 279 -3.01 54.87 24.37
N VAL A 280 -2.73 55.92 23.59
CA VAL A 280 -1.60 56.81 23.84
C VAL A 280 -2.13 58.24 23.80
N VAL A 281 -1.86 59.00 24.84
CA VAL A 281 -2.25 60.40 24.98
C VAL A 281 -1.00 61.26 24.84
N ARG A 282 -0.99 62.16 23.87
CA ARG A 282 0.13 63.06 23.64
C ARG A 282 -0.25 64.45 24.11
N CYS A 283 0.57 65.01 25.00
CA CYS A 283 0.36 66.35 25.52
C CYS A 283 1.53 67.24 25.12
N ARG A 284 1.24 68.41 24.55
CA ARG A 284 2.27 69.33 24.08
C ARG A 284 2.17 70.64 24.85
N ASP A 285 3.28 71.04 25.48
CA ASP A 285 3.40 72.36 26.10
C ASP A 285 3.73 73.38 25.02
N GLU A 286 2.80 74.29 24.73
CA GLU A 286 3.01 75.20 23.60
C GLU A 286 4.02 76.31 23.86
N ASP A 287 4.55 76.42 25.07
CA ASP A 287 5.56 77.43 25.38
C ASP A 287 6.97 76.84 25.37
N SER A 288 7.17 75.74 26.08
CA SER A 288 8.43 75.03 26.08
C SER A 288 8.53 74.05 24.91
N LYS A 289 7.42 73.83 24.20
CA LYS A 289 7.36 72.92 23.06
C LYS A 289 7.61 71.50 23.53
N GLN A 290 7.55 71.30 24.85
CA GLN A 290 7.73 69.97 25.37
C GLN A 290 6.45 69.16 25.11
N VAL A 291 6.64 67.85 24.85
CA VAL A 291 5.63 66.85 24.46
C VAL A 291 5.72 65.66 25.36
N SER A 292 4.58 65.12 25.78
CA SER A 292 4.59 63.93 26.62
C SER A 292 3.54 62.92 26.16
N GLU A 293 3.92 61.64 26.16
CA GLU A 293 3.01 60.55 25.80
C GLU A 293 2.74 59.70 27.02
N HIS A 294 1.48 59.37 27.21
CA HIS A 294 1.03 58.54 28.33
C HIS A 294 0.30 57.32 27.81
N PRO A 295 0.84 56.12 27.99
CA PRO A 295 0.10 54.93 27.56
C PRO A 295 -1.05 54.73 28.54
N VAL A 296 -2.16 54.21 28.01
CA VAL A 296 -3.36 54.03 28.80
C VAL A 296 -3.83 52.61 28.54
N GLN A 297 -4.26 51.96 29.61
CA GLN A 297 -4.78 50.61 29.50
C GLN A 297 -5.98 50.59 28.56
N PRO A 298 -6.16 49.53 27.77
CA PRO A 298 -7.28 49.51 26.83
C PRO A 298 -8.64 49.47 27.50
N THR A 299 -8.70 49.10 28.78
CA THR A 299 -9.96 49.12 29.51
C THR A 299 -10.33 50.48 30.08
N GLU A 300 -9.45 51.47 29.95
CA GLU A 300 -9.69 52.81 30.48
C GLU A 300 -9.77 53.82 29.34
N THR A 301 -10.74 54.74 29.44
CA THR A 301 -10.90 55.82 28.47
C THR A 301 -10.78 57.18 29.16
N GLN A 302 -9.94 57.26 30.20
CA GLN A 302 -9.74 58.48 30.96
C GLN A 302 -8.31 58.50 31.51
N VAL A 303 -7.68 59.68 31.54
CA VAL A 303 -6.36 59.84 32.13
C VAL A 303 -6.26 61.25 32.72
N THR A 304 -5.44 61.38 33.77
CA THR A 304 -5.22 62.67 34.42
C THR A 304 -3.80 63.16 34.15
N LEU A 305 -3.69 64.37 33.60
CA LEU A 305 -2.43 65.05 33.34
C LEU A 305 -2.17 66.08 34.43
N SER A 306 -1.00 66.01 35.06
CA SER A 306 -0.70 66.86 36.21
C SER A 306 0.57 67.65 35.96
N GLY A 307 0.84 68.61 36.84
CA GLY A 307 2.02 69.44 36.72
C GLY A 307 1.94 70.55 35.70
N LEU A 308 0.73 71.01 35.38
CA LEU A 308 0.53 72.06 34.38
C LEU A 308 0.79 73.44 34.97
N ARG A 309 1.22 74.36 34.11
CA ARG A 309 1.54 75.73 34.52
C ARG A 309 0.42 76.67 34.08
N ALA A 310 0.14 77.67 34.91
CA ALA A 310 -0.93 78.63 34.60
C ALA A 310 -0.55 79.52 33.42
N GLY A 311 -1.58 79.89 32.64
CA GLY A 311 -1.38 80.72 31.48
C GLY A 311 -0.80 80.04 30.26
N VAL A 312 -0.20 78.87 30.43
CA VAL A 312 0.41 78.16 29.32
C VAL A 312 -0.66 77.43 28.53
N ALA A 313 -0.58 77.51 27.20
CA ALA A 313 -1.45 76.74 26.34
C ALA A 313 -0.88 75.34 26.15
N TYR A 314 -1.77 74.36 26.07
CA TYR A 314 -1.39 72.97 25.92
C TYR A 314 -2.20 72.34 24.79
N THR A 315 -1.66 71.29 24.18
CA THR A 315 -2.36 70.55 23.15
C THR A 315 -2.32 69.07 23.48
N VAL A 316 -3.47 68.40 23.31
CA VAL A 316 -3.63 66.99 23.63
C VAL A 316 -4.21 66.27 22.42
N GLN A 317 -3.65 65.10 22.10
CA GLN A 317 -4.17 64.23 21.07
C GLN A 317 -4.15 62.81 21.61
N VAL A 318 -5.07 61.98 21.11
CA VAL A 318 -5.18 60.58 21.49
C VAL A 318 -5.14 59.71 20.25
N ARG A 319 -4.48 58.55 20.36
CA ARG A 319 -4.47 57.57 19.30
C ARG A 319 -4.71 56.19 19.91
N ALA A 320 -5.15 55.25 19.08
CA ALA A 320 -5.40 53.88 19.49
C ALA A 320 -4.52 52.95 18.68
N ASP A 321 -3.68 52.16 19.36
CA ASP A 321 -2.71 51.30 18.71
C ASP A 321 -3.10 49.84 18.83
N THR A 322 -2.84 49.09 17.77
CA THR A 322 -2.91 47.64 17.78
C THR A 322 -1.52 47.09 18.02
N ALA A 323 -1.41 45.76 18.01
CA ALA A 323 -0.09 45.15 18.17
C ALA A 323 0.85 45.44 17.01
N TRP A 324 0.32 45.89 15.86
CA TRP A 324 1.14 46.03 14.66
C TRP A 324 0.96 47.37 13.94
N LEU A 325 0.06 48.23 14.40
CA LEU A 325 -0.25 49.47 13.69
C LEU A 325 -0.36 50.64 14.65
N ARG A 326 0.27 51.75 14.26
CA ARG A 326 0.07 53.04 14.90
C ARG A 326 -1.27 53.62 14.48
N GLY A 327 -2.06 54.05 15.46
CA GLY A 327 -3.34 54.64 15.14
C GLY A 327 -3.19 56.08 14.71
N VAL A 328 -4.22 56.57 14.02
CA VAL A 328 -4.24 57.97 13.61
C VAL A 328 -4.58 58.81 14.82
N TRP A 329 -3.90 59.96 14.96
CA TRP A 329 -4.18 60.84 16.08
C TRP A 329 -5.55 61.48 15.93
N SER A 330 -6.20 61.72 17.06
CA SER A 330 -7.43 62.49 17.06
C SER A 330 -7.15 63.95 16.73
N GLN A 331 -8.22 64.69 16.46
CA GLN A 331 -8.11 66.12 16.27
C GLN A 331 -7.50 66.76 17.52
N PRO A 332 -6.58 67.70 17.37
CA PRO A 332 -5.90 68.24 18.55
C PRO A 332 -6.85 69.10 19.37
N GLN A 333 -6.69 69.02 20.69
CA GLN A 333 -7.44 69.82 21.66
C GLN A 333 -6.56 70.92 22.23
N ARG A 334 -7.04 72.15 22.12
CA ARG A 334 -6.39 73.34 22.64
C ARG A 334 -7.01 73.63 24.00
N PHE A 335 -6.17 73.92 25.00
CA PHE A 335 -6.70 74.25 26.32
C PHE A 335 -5.65 74.98 27.15
N SER A 336 -6.13 75.58 28.24
CA SER A 336 -5.27 76.23 29.23
C SER A 336 -5.95 76.14 30.60
N ILE A 337 -5.16 76.30 31.65
CA ILE A 337 -5.67 76.27 33.02
C ILE A 337 -6.64 77.42 33.26
N VAL B 21 13.40 9.70 5.40
CA VAL B 21 12.76 8.76 6.32
C VAL B 21 13.31 7.34 6.11
N GLN B 22 13.83 6.74 7.18
CA GLN B 22 14.36 5.38 7.11
C GLN B 22 13.98 4.60 8.35
N LEU B 23 13.73 3.30 8.17
CA LEU B 23 13.45 2.37 9.25
C LEU B 23 14.35 1.16 9.10
N VAL B 24 15.07 0.80 10.17
CA VAL B 24 16.06 -0.28 10.14
C VAL B 24 15.74 -1.27 11.24
N GLU B 25 15.47 -2.51 10.86
CA GLU B 25 15.23 -3.59 11.81
C GLU B 25 16.54 -4.28 12.18
N SER B 26 16.55 -4.92 13.35
CA SER B 26 17.71 -5.67 13.79
C SER B 26 17.27 -6.65 14.87
N GLY B 27 18.13 -7.63 15.13
CA GLY B 27 17.89 -8.63 16.16
C GLY B 27 17.47 -9.98 15.65
N GLY B 28 17.24 -10.12 14.35
CA GLY B 28 16.81 -11.40 13.82
C GLY B 28 17.92 -12.44 13.81
N GLY B 29 17.52 -13.66 13.51
CA GLY B 29 18.43 -14.78 13.44
C GLY B 29 17.66 -16.07 13.67
N VAL B 30 18.37 -17.06 14.24
CA VAL B 30 17.80 -18.35 14.58
C VAL B 30 17.46 -18.36 16.06
N VAL B 31 16.33 -18.95 16.41
CA VAL B 31 15.90 -19.07 17.80
C VAL B 31 15.17 -20.41 17.97
N GLN B 32 15.44 -21.08 19.09
CA GLN B 32 14.79 -22.36 19.35
C GLN B 32 13.33 -22.16 19.77
N PRO B 33 12.48 -23.15 19.51
CA PRO B 33 11.07 -23.03 19.90
C PRO B 33 10.92 -22.88 21.40
N GLY B 34 9.94 -22.07 21.81
CA GLY B 34 9.70 -21.79 23.21
C GLY B 34 10.60 -20.73 23.83
N ARG B 35 11.74 -20.42 23.21
CA ARG B 35 12.65 -19.41 23.74
C ARG B 35 12.12 -18.01 23.40
N SER B 36 12.95 -17.00 23.59
CA SER B 36 12.55 -15.62 23.41
C SER B 36 13.54 -14.88 22.53
N LEU B 37 13.05 -13.86 21.83
CA LEU B 37 13.87 -13.02 20.98
C LEU B 37 13.27 -11.62 20.95
N ARG B 38 14.15 -10.62 20.91
CA ARG B 38 13.77 -9.22 20.98
C ARG B 38 14.18 -8.52 19.69
N LEU B 39 13.23 -7.93 19.00
CA LEU B 39 13.50 -7.20 17.77
C LEU B 39 13.49 -5.70 18.04
N SER B 40 14.28 -4.96 17.25
CA SER B 40 14.41 -3.53 17.41
C SER B 40 14.37 -2.85 16.04
N CYS B 41 13.71 -1.70 15.99
CA CYS B 41 13.60 -0.90 14.77
C CYS B 41 14.08 0.50 15.09
N ALA B 42 15.05 0.99 14.33
CA ALA B 42 15.61 2.32 14.52
C ALA B 42 15.03 3.27 13.49
N ALA B 43 14.44 4.37 13.97
CA ALA B 43 13.76 5.33 13.11
C ALA B 43 14.59 6.59 12.96
N SER B 44 14.53 7.19 11.77
CA SER B 44 15.28 8.41 11.49
C SER B 44 14.61 9.15 10.36
N GLY B 45 14.79 10.47 10.34
CA GLY B 45 14.28 11.30 9.27
C GLY B 45 12.94 11.96 9.54
N PHE B 46 12.40 11.84 10.74
CA PHE B 46 11.10 12.43 11.06
C PHE B 46 10.95 12.48 12.57
N THR B 47 9.85 13.07 13.02
CA THR B 47 9.54 13.18 14.45
C THR B 47 8.92 11.87 14.92
N PHE B 48 9.72 11.04 15.59
CA PHE B 48 9.29 9.72 16.00
C PHE B 48 8.11 9.78 16.97
N THR B 49 8.07 10.81 17.83
CA THR B 49 7.07 10.86 18.88
C THR B 49 5.67 11.18 18.38
N SER B 50 5.50 11.48 17.10
CA SER B 50 4.23 11.98 16.57
C SER B 50 3.47 10.94 15.75
N TYR B 51 3.89 9.69 15.74
CA TYR B 51 3.32 8.71 14.83
C TYR B 51 3.21 7.35 15.49
N GLY B 52 2.08 6.68 15.24
CA GLY B 52 1.94 5.29 15.65
C GLY B 52 2.81 4.38 14.82
N MET B 53 3.17 3.24 15.40
CA MET B 53 4.04 2.27 14.75
C MET B 53 3.41 0.90 14.80
N SER B 54 3.87 0.02 13.91
CA SER B 54 3.34 -1.33 13.84
C SER B 54 4.40 -2.27 13.30
N TRP B 55 4.23 -3.56 13.60
CA TRP B 55 5.04 -4.63 13.05
C TRP B 55 4.18 -5.49 12.12
N VAL B 56 4.74 -5.84 10.96
CA VAL B 56 4.07 -6.71 9.99
C VAL B 56 5.05 -7.77 9.54
N ARG B 57 4.63 -9.03 9.59
CA ARG B 57 5.48 -10.16 9.22
C ARG B 57 4.95 -10.83 7.98
N GLN B 58 5.84 -11.59 7.33
CA GLN B 58 5.51 -12.29 6.09
C GLN B 58 6.29 -13.60 6.06
N ALA B 59 5.60 -14.72 6.21
CA ALA B 59 6.22 -16.02 6.04
C ALA B 59 6.77 -16.13 4.62
N PRO B 60 7.85 -16.93 4.41
CA PRO B 60 8.54 -16.93 3.11
C PRO B 60 7.65 -17.03 1.88
N GLY B 61 6.87 -18.10 1.76
CA GLY B 61 6.03 -18.27 0.60
C GLY B 61 4.58 -17.87 0.83
N LYS B 62 4.35 -16.93 1.74
CA LYS B 62 3.01 -16.57 2.16
C LYS B 62 2.82 -15.06 2.03
N GLY B 63 1.61 -14.60 2.38
CA GLY B 63 1.27 -13.19 2.30
C GLY B 63 1.63 -12.44 3.57
N LEU B 64 1.09 -11.23 3.67
CA LEU B 64 1.37 -10.33 4.78
C LEU B 64 0.42 -10.58 5.94
N GLU B 65 0.95 -10.41 7.16
CA GLU B 65 0.15 -10.56 8.38
C GLU B 65 0.53 -9.44 9.33
N TRP B 66 -0.44 -8.63 9.71
CA TRP B 66 -0.22 -7.60 10.71
C TRP B 66 -0.03 -8.24 12.08
N VAL B 67 1.00 -7.82 12.81
CA VAL B 67 1.37 -8.44 14.09
C VAL B 67 0.88 -7.63 15.27
N ALA B 68 1.37 -6.39 15.41
CA ALA B 68 1.01 -5.56 16.55
C ALA B 68 1.13 -4.09 16.15
N GLY B 69 0.50 -3.23 16.96
CA GLY B 69 0.57 -1.80 16.74
C GLY B 69 0.56 -1.06 18.07
N ILE B 70 1.06 0.18 18.02
CA ILE B 70 1.17 1.02 19.21
C ILE B 70 0.98 2.46 18.81
N SER B 71 0.36 3.24 19.68
CA SER B 71 0.07 4.64 19.39
C SER B 71 1.30 5.50 19.61
N TYR B 72 1.17 6.81 19.35
CA TYR B 72 2.31 7.72 19.43
C TYR B 72 2.81 7.85 20.86
N ASP B 73 1.90 7.89 21.83
CA ASP B 73 2.24 8.05 23.24
C ASP B 73 2.24 6.73 23.99
N ALA B 74 2.20 5.61 23.27
CA ALA B 74 2.22 4.25 23.81
C ALA B 74 1.01 3.96 24.71
N SER B 75 -0.03 4.78 24.65
CA SER B 75 -1.23 4.53 25.44
C SER B 75 -2.10 3.45 24.84
N ASP B 76 -2.05 3.29 23.51
CA ASP B 76 -2.84 2.29 22.80
C ASP B 76 -1.92 1.21 22.24
N THR B 77 -2.23 -0.04 22.53
CA THR B 77 -1.50 -1.18 21.99
C THR B 77 -2.50 -2.24 21.55
N GLU B 78 -2.27 -2.80 20.36
CA GLU B 78 -3.12 -3.85 19.83
C GLU B 78 -2.27 -4.97 19.25
N TYR B 79 -2.77 -6.20 19.34
CA TYR B 79 -2.08 -7.39 18.86
C TYR B 79 -3.05 -8.26 18.08
N ALA B 80 -2.49 -9.04 17.16
CA ALA B 80 -3.28 -10.05 16.48
C ALA B 80 -3.55 -11.23 17.43
N ASP B 81 -4.60 -11.98 17.11
CA ASP B 81 -5.01 -13.08 17.99
C ASP B 81 -3.92 -14.13 18.13
N SER B 82 -3.21 -14.41 17.03
CA SER B 82 -2.23 -15.49 17.02
C SER B 82 -0.99 -15.18 17.86
N VAL B 83 -0.84 -13.96 18.37
CA VAL B 83 0.36 -13.55 19.10
C VAL B 83 0.05 -12.84 20.40
N LYS B 84 -1.23 -12.69 20.78
CA LYS B 84 -1.63 -11.77 21.84
C LYS B 84 -0.88 -11.99 23.14
N GLY B 85 -1.00 -13.17 23.74
CA GLY B 85 -0.34 -13.42 25.01
C GLY B 85 1.16 -13.61 24.90
N ARG B 86 1.70 -13.76 23.70
CA ARG B 86 3.09 -14.15 23.52
C ARG B 86 4.02 -13.01 23.15
N PHE B 87 3.52 -11.98 22.45
CA PHE B 87 4.34 -10.87 22.01
C PHE B 87 4.04 -9.62 22.84
N THR B 88 4.97 -8.66 22.77
CA THR B 88 4.82 -7.39 23.47
C THR B 88 5.49 -6.30 22.65
N ILE B 89 4.73 -5.27 22.28
CA ILE B 89 5.24 -4.14 21.51
C ILE B 89 5.46 -2.98 22.46
N SER B 90 6.54 -2.22 22.22
CA SER B 90 6.88 -1.10 23.08
C SER B 90 7.77 -0.14 22.29
N ARG B 91 7.85 1.10 22.79
CA ARG B 91 8.58 2.15 22.10
C ARG B 91 9.34 3.01 23.10
N ASP B 92 10.51 3.48 22.68
CA ASP B 92 11.34 4.40 23.44
C ASP B 92 11.39 5.71 22.64
N ASN B 93 10.48 6.63 22.96
CA ASN B 93 10.39 7.87 22.20
C ASN B 93 11.61 8.76 22.38
N SER B 94 12.37 8.58 23.47
CA SER B 94 13.58 9.37 23.67
C SER B 94 14.71 8.95 22.75
N LYS B 95 14.72 7.70 22.29
CA LYS B 95 15.79 7.22 21.43
C LYS B 95 15.29 6.82 20.04
N ASN B 96 14.03 7.14 19.71
CA ASN B 96 13.46 6.87 18.39
C ASN B 96 13.59 5.40 18.01
N THR B 97 13.22 4.52 18.93
CA THR B 97 13.37 3.08 18.73
C THR B 97 12.07 2.36 19.06
N LEU B 98 11.67 1.44 18.19
CA LEU B 98 10.51 0.59 18.40
C LEU B 98 10.98 -0.83 18.71
N TYR B 99 10.29 -1.48 19.66
CA TYR B 99 10.68 -2.80 20.13
C TYR B 99 9.53 -3.79 19.98
N LEU B 100 9.89 -5.06 19.80
CA LEU B 100 8.93 -6.16 19.76
C LEU B 100 9.52 -7.34 20.51
N GLN B 101 9.01 -7.60 21.71
CA GLN B 101 9.49 -8.71 22.53
C GLN B 101 8.68 -9.95 22.21
N MET B 102 9.36 -11.01 21.78
CA MET B 102 8.73 -12.24 21.33
C MET B 102 9.07 -13.35 22.34
N ASN B 103 8.05 -13.95 22.92
CA ASN B 103 8.22 -15.03 23.89
C ASN B 103 7.41 -16.24 23.47
N SER B 104 7.88 -17.42 23.87
CA SER B 104 7.21 -18.68 23.58
C SER B 104 7.00 -18.85 22.07
N LEU B 105 8.10 -18.72 21.33
CA LEU B 105 8.03 -18.73 19.87
C LEU B 105 7.70 -20.12 19.35
N ARG B 106 6.83 -20.16 18.33
CA ARG B 106 6.49 -21.37 17.61
C ARG B 106 7.11 -21.33 16.23
N ALA B 107 7.04 -22.47 15.52
CA ALA B 107 7.59 -22.54 14.18
C ALA B 107 6.82 -21.68 13.20
N GLU B 108 5.52 -21.47 13.45
CA GLU B 108 4.71 -20.67 12.54
C GLU B 108 5.11 -19.20 12.56
N ASP B 109 5.76 -18.76 13.64
CA ASP B 109 6.25 -17.39 13.74
C ASP B 109 7.44 -17.13 12.81
N THR B 110 8.02 -18.17 12.21
CA THR B 110 9.11 -18.00 11.27
C THR B 110 8.66 -17.13 10.12
N ALA B 111 9.20 -15.92 10.03
CA ALA B 111 8.79 -14.97 9.00
C ALA B 111 9.80 -13.83 8.96
N VAL B 112 9.72 -13.03 7.91
CA VAL B 112 10.44 -11.77 7.84
C VAL B 112 9.58 -10.71 8.53
N TYR B 113 10.18 -9.98 9.46
CA TYR B 113 9.45 -9.02 10.28
C TYR B 113 9.83 -7.60 9.87
N TYR B 114 8.84 -6.85 9.38
CA TYR B 114 9.00 -5.46 8.97
C TYR B 114 8.46 -4.54 10.06
N CYS B 115 9.09 -3.38 10.21
CA CYS B 115 8.54 -2.28 11.01
C CYS B 115 8.03 -1.19 10.08
N ALA B 116 6.85 -0.68 10.37
CA ALA B 116 6.17 0.27 9.49
C ALA B 116 5.56 1.39 10.33
N ARG B 117 5.36 2.54 9.68
CA ARG B 117 4.86 3.74 10.34
C ARG B 117 3.40 3.97 9.96
N SER B 118 2.61 4.41 10.93
CA SER B 118 1.26 4.90 10.78
C SER B 118 1.24 6.42 10.75
N PRO B 119 0.43 7.03 9.90
CA PRO B 119 0.53 8.48 9.68
C PRO B 119 -0.08 9.36 10.76
N ASP B 120 -0.70 8.79 11.80
CA ASP B 120 -1.42 9.58 12.78
C ASP B 120 -0.96 9.22 14.19
N TYR B 121 -1.43 10.01 15.16
CA TYR B 121 -1.24 9.68 16.57
C TYR B 121 -1.68 8.25 16.88
N ILE B 122 -2.89 7.89 16.46
CA ILE B 122 -3.49 6.60 16.80
C ILE B 122 -3.11 5.56 15.75
N ILE B 123 -3.32 4.29 16.10
CA ILE B 123 -3.16 3.19 15.16
C ILE B 123 -4.29 3.25 14.15
N ASP B 124 -4.01 3.78 12.96
CA ASP B 124 -5.07 3.99 11.98
C ASP B 124 -4.45 4.11 10.59
N TYR B 125 -5.29 3.89 9.58
CA TYR B 125 -4.95 4.07 8.16
C TYR B 125 -3.83 3.15 7.70
N GLY B 126 -3.36 3.37 6.47
CA GLY B 126 -2.34 2.55 5.88
C GLY B 126 -0.96 2.84 6.44
N PHE B 127 0.03 2.16 5.86
CA PHE B 127 1.41 2.26 6.32
C PHE B 127 2.24 2.86 5.19
N ASP B 128 2.70 4.09 5.39
CA ASP B 128 3.33 4.89 4.35
C ASP B 128 4.85 4.75 4.30
N TYR B 129 5.45 4.10 5.30
CA TYR B 129 6.89 3.89 5.32
C TYR B 129 7.18 2.52 5.90
N TRP B 130 8.17 1.83 5.32
CA TRP B 130 8.51 0.48 5.72
C TRP B 130 10.03 0.37 5.88
N GLY B 131 10.43 -0.64 6.66
CA GLY B 131 11.84 -0.93 6.85
C GLY B 131 12.34 -1.96 5.85
N ARG B 132 13.57 -2.43 6.10
CA ARG B 132 14.16 -3.44 5.23
C ARG B 132 13.63 -4.84 5.52
N GLY B 133 13.26 -5.10 6.76
CA GLY B 133 12.81 -6.43 7.18
C GLY B 133 13.96 -7.30 7.65
N THR B 134 13.67 -8.12 8.66
CA THR B 134 14.66 -9.04 9.21
C THR B 134 14.04 -10.43 9.31
N LEU B 135 14.86 -11.45 9.04
CA LEU B 135 14.39 -12.83 9.02
C LEU B 135 14.52 -13.44 10.41
N VAL B 136 13.47 -14.14 10.84
CA VAL B 136 13.45 -14.83 12.12
C VAL B 136 13.08 -16.29 11.83
N THR B 137 14.00 -17.21 12.08
CA THR B 137 13.79 -18.63 11.87
C THR B 137 13.65 -19.31 13.23
N VAL B 138 12.50 -19.91 13.48
CA VAL B 138 12.21 -20.60 14.73
C VAL B 138 12.34 -22.11 14.47
N SER B 139 13.41 -22.71 14.98
CA SER B 139 13.66 -24.13 14.77
C SER B 139 14.73 -24.60 15.75
N SER B 140 14.68 -25.88 16.08
CA SER B 140 15.69 -26.52 16.91
C SER B 140 16.67 -27.35 16.09
N ALA B 141 16.85 -27.01 14.80
CA ALA B 141 17.54 -27.88 13.87
C ALA B 141 19.06 -27.81 13.99
N SER B 142 19.59 -26.70 14.51
CA SER B 142 21.03 -26.45 14.63
C SER B 142 21.68 -26.25 13.26
N THR B 143 22.72 -25.43 13.22
CA THR B 143 23.36 -25.05 11.95
C THR B 143 24.09 -26.24 11.34
N LYS B 144 23.90 -26.43 10.03
CA LYS B 144 24.52 -27.54 9.31
C LYS B 144 24.69 -27.17 7.85
N GLY B 145 25.83 -27.57 7.27
CA GLY B 145 26.08 -27.36 5.87
C GLY B 145 25.43 -28.41 5.00
N PRO B 146 25.37 -28.13 3.71
CA PRO B 146 24.61 -28.98 2.78
C PRO B 146 25.47 -30.04 2.10
N SER B 147 24.79 -31.11 1.68
CA SER B 147 25.36 -32.15 0.84
C SER B 147 24.97 -31.89 -0.61
N VAL B 148 25.92 -32.07 -1.52
CA VAL B 148 25.74 -31.72 -2.93
C VAL B 148 25.87 -32.99 -3.77
N PHE B 149 24.83 -33.31 -4.51
CA PHE B 149 24.76 -34.47 -5.38
C PHE B 149 24.51 -34.03 -6.82
N PRO B 150 25.01 -34.78 -7.81
CA PRO B 150 24.87 -34.35 -9.21
C PRO B 150 23.57 -34.81 -9.83
N LEU B 151 22.94 -33.91 -10.59
CA LEU B 151 21.79 -34.24 -11.44
C LEU B 151 22.34 -34.43 -12.84
N ALA B 152 22.76 -35.66 -13.14
CA ALA B 152 23.54 -35.91 -14.35
C ALA B 152 22.63 -36.04 -15.57
N PRO B 153 23.03 -35.49 -16.71
CA PRO B 153 22.30 -35.73 -17.95
C PRO B 153 22.55 -37.13 -18.46
N SER B 154 21.57 -37.65 -19.21
CA SER B 154 21.70 -39.01 -19.74
C SER B 154 22.88 -39.10 -20.70
N SER B 155 23.65 -40.19 -20.55
CA SER B 155 24.78 -40.43 -21.44
C SER B 155 24.37 -40.63 -22.89
N LYS B 156 23.08 -40.84 -23.15
CA LYS B 156 22.54 -40.92 -24.50
C LYS B 156 21.46 -39.86 -24.63
N SER B 157 21.67 -38.92 -25.56
CA SER B 157 20.74 -37.81 -25.73
C SER B 157 19.40 -38.32 -26.26
N THR B 158 18.35 -38.10 -25.48
CA THR B 158 16.99 -38.41 -25.92
C THR B 158 16.14 -37.15 -26.04
N SER B 159 16.75 -35.97 -25.95
CA SER B 159 16.05 -34.69 -26.09
C SER B 159 16.61 -33.88 -27.25
N GLY B 160 17.13 -34.56 -28.27
CA GLY B 160 17.61 -33.85 -29.45
C GLY B 160 18.97 -33.21 -29.21
N GLY B 161 19.08 -31.94 -29.58
CA GLY B 161 20.29 -31.18 -29.41
C GLY B 161 20.40 -30.39 -28.12
N THR B 162 19.39 -30.46 -27.26
CA THR B 162 19.41 -29.79 -25.97
C THR B 162 19.42 -30.81 -24.85
N ALA B 163 20.13 -30.48 -23.77
CA ALA B 163 20.24 -31.36 -22.62
C ALA B 163 20.18 -30.53 -21.35
N ALA B 164 19.79 -31.20 -20.24
CA ALA B 164 19.62 -30.55 -18.95
C ALA B 164 20.45 -31.26 -17.90
N LEU B 165 21.02 -30.48 -16.97
CA LEU B 165 21.83 -31.01 -15.88
C LEU B 165 21.74 -30.04 -14.71
N GLY B 166 22.24 -30.46 -13.56
CA GLY B 166 22.21 -29.60 -12.41
C GLY B 166 22.80 -30.26 -11.18
N CYS B 167 22.59 -29.60 -10.03
CA CYS B 167 23.10 -30.05 -8.73
C CYS B 167 21.96 -30.05 -7.72
N LEU B 168 21.99 -31.02 -6.80
CA LEU B 168 21.03 -31.13 -5.72
C LEU B 168 21.70 -30.76 -4.41
N VAL B 169 21.20 -29.71 -3.78
CA VAL B 169 21.73 -29.20 -2.51
C VAL B 169 20.72 -29.60 -1.42
N LYS B 170 21.14 -30.51 -0.54
CA LYS B 170 20.22 -31.15 0.40
C LYS B 170 20.75 -31.05 1.83
N ASP B 171 19.81 -30.84 2.76
CA ASP B 171 20.03 -30.97 4.20
C ASP B 171 21.02 -29.91 4.70
N TYR B 172 20.51 -28.69 4.75
CA TYR B 172 21.23 -27.56 5.32
C TYR B 172 20.28 -26.72 6.15
N PHE B 173 20.86 -25.87 7.01
CA PHE B 173 20.14 -25.04 7.95
C PHE B 173 21.10 -24.01 8.53
N PRO B 174 20.71 -22.74 8.64
CA PRO B 174 19.45 -22.22 8.10
C PRO B 174 19.60 -21.67 6.70
N GLU B 175 18.66 -20.81 6.28
CA GLU B 175 18.79 -20.13 5.00
C GLU B 175 19.84 -19.02 5.11
N PRO B 176 20.49 -18.66 4.00
CA PRO B 176 20.38 -19.21 2.65
C PRO B 176 21.68 -19.83 2.13
N VAL B 177 21.62 -20.42 0.93
CA VAL B 177 22.78 -20.87 0.20
C VAL B 177 22.85 -20.12 -1.13
N THR B 178 24.05 -20.04 -1.68
CA THR B 178 24.28 -19.40 -2.97
C THR B 178 24.87 -20.42 -3.94
N VAL B 179 24.38 -20.40 -5.18
CA VAL B 179 24.79 -21.35 -6.21
C VAL B 179 25.20 -20.57 -7.45
N SER B 180 26.38 -20.89 -7.98
CA SER B 180 26.84 -20.40 -9.27
C SER B 180 27.36 -21.58 -10.09
N TRP B 181 27.66 -21.31 -11.36
CA TRP B 181 28.11 -22.35 -12.28
C TRP B 181 29.37 -21.90 -13.00
N ASN B 182 30.40 -22.75 -12.96
CA ASN B 182 31.71 -22.44 -13.54
C ASN B 182 32.24 -21.11 -13.01
N SER B 183 32.12 -20.92 -11.69
CA SER B 183 32.55 -19.71 -11.01
C SER B 183 31.87 -18.48 -11.57
N GLY B 184 30.59 -18.63 -11.94
CA GLY B 184 29.81 -17.54 -12.49
C GLY B 184 29.95 -17.32 -13.99
N ALA B 185 30.88 -18.03 -14.64
CA ALA B 185 31.07 -17.89 -16.08
C ALA B 185 29.94 -18.48 -16.89
N LEU B 186 29.06 -19.28 -16.28
CA LEU B 186 27.92 -19.89 -16.96
C LEU B 186 26.65 -19.36 -16.34
N THR B 187 25.91 -18.54 -17.09
CA THR B 187 24.65 -17.97 -16.62
C THR B 187 23.46 -18.19 -17.54
N SER B 188 23.69 -18.46 -18.83
CA SER B 188 22.58 -18.63 -19.76
C SER B 188 21.90 -19.98 -19.54
N GLY B 189 20.59 -19.96 -19.34
CA GLY B 189 19.83 -21.17 -19.10
C GLY B 189 19.90 -21.70 -17.69
N VAL B 190 20.30 -20.88 -16.72
CA VAL B 190 20.46 -21.32 -15.34
C VAL B 190 19.16 -21.09 -14.57
N HIS B 191 18.68 -22.13 -13.88
CA HIS B 191 17.52 -22.03 -13.02
C HIS B 191 17.89 -22.53 -11.63
N THR B 192 17.72 -21.68 -10.63
CA THR B 192 17.94 -22.03 -9.23
C THR B 192 16.62 -21.89 -8.48
N PHE B 193 16.09 -23.01 -7.96
CA PHE B 193 14.77 -23.05 -7.36
C PHE B 193 14.81 -22.61 -5.91
N PRO B 194 13.71 -22.00 -5.44
CA PRO B 194 13.61 -21.66 -4.02
C PRO B 194 13.60 -22.91 -3.15
N ALA B 195 14.10 -22.75 -1.93
CA ALA B 195 14.29 -23.87 -1.03
C ALA B 195 12.95 -24.39 -0.52
N VAL B 196 12.95 -25.65 -0.10
CA VAL B 196 11.79 -26.29 0.51
C VAL B 196 12.20 -26.81 1.87
N LEU B 197 11.26 -26.75 2.82
CA LEU B 197 11.50 -27.22 4.18
C LEU B 197 11.03 -28.66 4.31
N GLN B 198 11.97 -29.57 4.51
CA GLN B 198 11.66 -30.99 4.60
C GLN B 198 11.06 -31.32 5.96
N SER B 199 10.59 -32.57 6.08
CA SER B 199 10.00 -33.02 7.35
C SER B 199 11.04 -33.08 8.46
N SER B 200 12.31 -33.25 8.10
CA SER B 200 13.39 -33.29 9.08
C SER B 200 13.70 -31.92 9.69
N GLY B 201 13.14 -30.85 9.15
CA GLY B 201 13.48 -29.51 9.59
C GLY B 201 14.61 -28.87 8.81
N LEU B 202 15.19 -29.57 7.85
CA LEU B 202 16.29 -29.05 7.03
C LEU B 202 15.77 -28.60 5.67
N TYR B 203 16.52 -27.71 5.04
CA TYR B 203 16.17 -27.15 3.74
C TYR B 203 16.87 -27.90 2.61
N SER B 204 16.36 -27.71 1.40
CA SER B 204 16.91 -28.36 0.21
C SER B 204 16.37 -27.65 -1.02
N LEU B 205 17.19 -27.59 -2.06
CA LEU B 205 16.80 -26.97 -3.32
C LEU B 205 17.62 -27.60 -4.44
N SER B 206 17.36 -27.15 -5.67
CA SER B 206 18.06 -27.65 -6.84
C SER B 206 18.35 -26.49 -7.79
N SER B 207 19.45 -26.62 -8.53
CA SER B 207 19.83 -25.65 -9.55
C SER B 207 20.15 -26.42 -10.83
N VAL B 208 19.59 -25.99 -11.95
CA VAL B 208 19.71 -26.71 -13.21
C VAL B 208 20.08 -25.74 -14.33
N VAL B 209 20.72 -26.29 -15.37
CA VAL B 209 21.09 -25.54 -16.56
C VAL B 209 20.79 -26.41 -17.78
N THR B 210 20.41 -25.78 -18.88
CA THR B 210 20.20 -26.46 -20.15
C THR B 210 21.32 -26.08 -21.11
N VAL B 211 21.92 -27.08 -21.74
CA VAL B 211 23.09 -26.89 -22.60
C VAL B 211 22.93 -27.75 -23.85
N PRO B 212 23.73 -27.46 -24.88
CA PRO B 212 23.76 -28.33 -26.06
C PRO B 212 24.31 -29.71 -25.73
N SER B 213 23.65 -30.73 -26.26
CA SER B 213 24.03 -32.11 -25.97
C SER B 213 25.40 -32.45 -26.55
N SER B 214 25.80 -31.80 -27.65
CA SER B 214 27.10 -32.07 -28.26
C SER B 214 28.26 -31.56 -27.42
N SER B 215 28.01 -30.62 -26.50
CA SER B 215 29.05 -30.02 -25.68
C SER B 215 29.28 -30.79 -24.38
N LEU B 216 28.54 -31.87 -24.13
CA LEU B 216 28.71 -32.64 -22.90
C LEU B 216 30.11 -33.24 -22.81
N GLY B 217 30.66 -33.67 -23.95
CA GLY B 217 31.97 -34.29 -23.92
C GLY B 217 33.13 -33.32 -23.86
N THR B 218 32.92 -32.11 -24.37
CA THR B 218 34.01 -31.13 -24.48
C THR B 218 34.02 -30.10 -23.36
N GLN B 219 32.86 -29.74 -22.82
CA GLN B 219 32.75 -28.68 -21.82
C GLN B 219 32.51 -29.28 -20.43
N THR B 220 33.13 -28.69 -19.42
CA THR B 220 32.97 -29.12 -18.04
C THR B 220 32.02 -28.17 -17.32
N TYR B 221 31.16 -28.74 -16.48
CA TYR B 221 30.14 -27.98 -15.76
C TYR B 221 30.32 -28.22 -14.27
N ILE B 222 30.55 -27.14 -13.52
CA ILE B 222 30.85 -27.22 -12.09
C ILE B 222 29.96 -26.22 -11.36
N CYS B 223 29.14 -26.71 -10.44
CA CYS B 223 28.31 -25.85 -9.61
C CYS B 223 29.04 -25.50 -8.33
N ASN B 224 28.87 -24.27 -7.87
CA ASN B 224 29.58 -23.74 -6.70
C ASN B 224 28.56 -23.38 -5.64
N VAL B 225 28.52 -24.13 -4.55
CA VAL B 225 27.59 -23.92 -3.45
C VAL B 225 28.35 -23.36 -2.26
N ASN B 226 27.76 -22.34 -1.62
CA ASN B 226 28.33 -21.71 -0.44
C ASN B 226 27.26 -21.57 0.62
N HIS B 227 27.60 -21.93 1.87
CA HIS B 227 26.70 -21.80 3.01
C HIS B 227 27.45 -21.04 4.10
N LYS B 228 27.31 -19.72 4.09
CA LYS B 228 27.99 -18.89 5.08
C LYS B 228 27.60 -19.20 6.53
N PRO B 229 26.32 -19.48 6.86
CA PRO B 229 26.00 -19.80 8.27
C PRO B 229 26.83 -20.93 8.86
N SER B 230 27.25 -21.91 8.04
CA SER B 230 28.13 -22.97 8.51
C SER B 230 29.54 -22.84 7.97
N ASN B 231 29.83 -21.79 7.20
CA ASN B 231 31.15 -21.56 6.62
C ASN B 231 31.59 -22.75 5.76
N THR B 232 30.68 -23.26 4.95
CA THR B 232 30.91 -24.44 4.11
C THR B 232 30.79 -24.08 2.64
N LYS B 233 31.81 -24.42 1.86
CA LYS B 233 31.85 -24.17 0.43
C LYS B 233 32.10 -25.49 -0.29
N VAL B 234 31.31 -25.77 -1.32
CA VAL B 234 31.38 -27.03 -2.06
C VAL B 234 31.38 -26.75 -3.56
N ASP B 235 32.24 -27.46 -4.28
CA ASP B 235 32.30 -27.40 -5.74
C ASP B 235 32.16 -28.81 -6.28
N LYS B 236 31.18 -29.02 -7.15
CA LYS B 236 30.84 -30.35 -7.65
C LYS B 236 30.90 -30.36 -9.17
N ARG B 237 31.65 -31.30 -9.72
CA ARG B 237 31.71 -31.50 -11.16
C ARG B 237 30.58 -32.46 -11.57
N VAL B 238 29.86 -32.10 -12.64
CA VAL B 238 28.72 -32.85 -13.11
C VAL B 238 29.06 -33.44 -14.47
N GLU B 239 29.04 -34.76 -14.56
CA GLU B 239 29.36 -35.49 -15.78
C GLU B 239 28.26 -36.49 -16.10
N PRO B 240 28.04 -36.79 -17.38
CA PRO B 240 26.97 -37.71 -17.82
C PRO B 240 27.12 -39.11 -17.24
N GLN C 47 -22.17 -37.99 -22.08
CA GLN C 47 -21.51 -36.88 -21.43
C GLN C 47 -21.55 -35.67 -22.35
N VAL C 48 -20.38 -35.08 -22.62
CA VAL C 48 -20.29 -33.94 -23.54
C VAL C 48 -19.70 -34.42 -24.86
N GLN C 49 -20.23 -33.87 -25.95
CA GLN C 49 -19.71 -34.07 -27.30
C GLN C 49 -19.32 -32.72 -27.90
N LEU C 50 -18.13 -32.66 -28.52
CA LEU C 50 -17.67 -31.45 -29.19
C LEU C 50 -17.76 -31.67 -30.69
N GLN C 51 -18.25 -30.66 -31.41
CA GLN C 51 -18.39 -30.72 -32.87
C GLN C 51 -17.79 -29.46 -33.49
N GLU C 52 -16.68 -29.61 -34.20
CA GLU C 52 -16.08 -28.50 -34.93
C GLU C 52 -16.78 -28.30 -36.27
N SER C 53 -16.68 -27.08 -36.78
CA SER C 53 -17.24 -26.74 -38.09
C SER C 53 -16.68 -25.39 -38.52
N GLY C 54 -16.79 -25.11 -39.82
CA GLY C 54 -16.34 -23.86 -40.39
C GLY C 54 -15.06 -23.95 -41.19
N GLY C 55 -14.46 -25.13 -41.32
CA GLY C 55 -13.24 -25.30 -42.07
C GLY C 55 -13.49 -25.30 -43.57
N GLY C 56 -12.51 -25.82 -44.30
CA GLY C 56 -12.63 -26.02 -45.73
C GLY C 56 -11.46 -25.41 -46.46
N LEU C 57 -11.63 -25.20 -47.75
CA LEU C 57 -10.57 -24.69 -48.60
C LEU C 57 -10.57 -23.18 -48.63
N VAL C 58 -9.38 -22.59 -48.56
CA VAL C 58 -9.23 -21.14 -48.54
C VAL C 58 -7.90 -20.81 -49.19
N GLN C 59 -7.86 -19.69 -49.91
CA GLN C 59 -6.66 -19.20 -50.54
C GLN C 59 -5.71 -18.60 -49.49
N PRO C 60 -4.40 -18.60 -49.77
CA PRO C 60 -3.48 -17.80 -48.97
C PRO C 60 -3.96 -16.36 -48.81
N GLY C 61 -3.81 -15.85 -47.58
CA GLY C 61 -4.25 -14.53 -47.22
C GLY C 61 -5.71 -14.45 -46.81
N GLY C 62 -6.47 -15.54 -46.97
CA GLY C 62 -7.88 -15.50 -46.70
C GLY C 62 -8.16 -15.67 -45.21
N SER C 63 -9.45 -15.69 -44.88
CA SER C 63 -9.87 -15.80 -43.49
C SER C 63 -10.98 -16.83 -43.34
N LEU C 64 -10.95 -17.55 -42.22
CA LEU C 64 -12.01 -18.48 -41.86
C LEU C 64 -12.30 -18.35 -40.37
N ARG C 65 -13.54 -18.65 -39.98
CA ARG C 65 -13.91 -18.75 -38.57
C ARG C 65 -14.42 -20.15 -38.25
N LEU C 66 -13.67 -20.84 -37.40
CA LEU C 66 -14.05 -22.16 -36.91
C LEU C 66 -14.97 -22.03 -35.70
N SER C 67 -15.94 -22.94 -35.60
CA SER C 67 -16.82 -23.01 -34.45
C SER C 67 -16.62 -24.35 -33.76
N CYS C 68 -16.77 -24.36 -32.44
CA CYS C 68 -16.70 -25.58 -31.64
C CYS C 68 -17.92 -25.60 -30.73
N ALA C 69 -18.93 -26.38 -31.10
CA ALA C 69 -20.19 -26.42 -30.38
C ALA C 69 -20.22 -27.61 -29.43
N ALA C 70 -20.53 -27.34 -28.17
CA ALA C 70 -20.59 -28.37 -27.14
C ALA C 70 -22.05 -28.70 -26.83
N SER C 71 -22.33 -30.00 -26.69
CA SER C 71 -23.64 -30.47 -26.28
C SER C 71 -23.49 -31.48 -25.16
N GLY C 72 -24.56 -31.65 -24.39
CA GLY C 72 -24.56 -32.60 -23.30
C GLY C 72 -24.26 -31.96 -21.96
N ARG C 73 -23.27 -31.08 -21.91
CA ARG C 73 -22.87 -30.43 -20.67
C ARG C 73 -22.49 -28.97 -20.92
N THR C 74 -22.85 -28.10 -19.99
CA THR C 74 -22.44 -26.70 -20.04
C THR C 74 -20.93 -26.58 -19.91
N ILE C 75 -20.32 -25.74 -20.74
CA ILE C 75 -18.87 -25.61 -20.79
C ILE C 75 -18.38 -24.22 -20.39
N SER C 76 -19.27 -23.32 -19.96
CA SER C 76 -18.84 -21.95 -19.69
C SER C 76 -17.83 -21.89 -18.55
N ARG C 77 -17.75 -22.93 -17.73
CA ARG C 77 -16.80 -23.02 -16.63
C ARG C 77 -15.42 -23.54 -17.03
N TYR C 78 -15.25 -24.05 -18.25
CA TYR C 78 -14.00 -24.70 -18.64
C TYR C 78 -13.28 -23.91 -19.72
N ALA C 79 -11.95 -23.87 -19.63
CA ALA C 79 -11.14 -23.46 -20.75
C ALA C 79 -11.40 -24.35 -21.96
N MET C 80 -11.46 -23.73 -23.14
CA MET C 80 -11.57 -24.45 -24.40
C MET C 80 -10.35 -24.13 -25.24
N SER C 81 -9.70 -25.16 -25.74
CA SER C 81 -8.47 -25.03 -26.49
C SER C 81 -8.68 -25.51 -27.92
N TRP C 82 -7.89 -24.93 -28.80
CA TRP C 82 -7.79 -25.35 -30.19
C TRP C 82 -6.46 -25.98 -30.46
N PHE C 83 -6.51 -27.08 -31.20
CA PHE C 83 -5.33 -27.81 -31.58
C PHE C 83 -5.38 -27.99 -33.08
N ARG C 84 -4.24 -28.33 -33.64
CA ARG C 84 -4.14 -28.62 -35.06
C ARG C 84 -3.10 -29.72 -35.33
N GLN C 85 -3.30 -30.41 -36.45
CA GLN C 85 -2.37 -31.47 -36.81
C GLN C 85 -2.29 -31.48 -38.32
N ALA C 86 -1.09 -31.21 -38.82
CA ALA C 86 -0.69 -31.36 -40.21
C ALA C 86 -0.34 -32.80 -40.56
N PRO C 87 -0.43 -33.17 -41.85
CA PRO C 87 -0.19 -34.57 -42.24
C PRO C 87 1.22 -34.99 -41.85
N GLY C 88 1.31 -36.12 -41.18
CA GLY C 88 2.58 -36.64 -40.69
C GLY C 88 3.29 -35.82 -39.63
N LYS C 89 2.57 -34.99 -38.88
CA LYS C 89 3.18 -34.27 -37.77
C LYS C 89 2.41 -34.50 -36.48
N GLU C 90 3.04 -34.04 -35.41
CA GLU C 90 2.50 -34.09 -34.07
C GLU C 90 1.41 -33.04 -33.90
N ARG C 91 0.38 -33.37 -33.14
CA ARG C 91 -0.66 -32.39 -32.84
C ARG C 91 -0.03 -31.28 -32.02
N GLU C 92 -0.38 -30.03 -32.35
CA GLU C 92 0.19 -28.87 -31.67
C GLU C 92 -0.88 -27.89 -31.24
N PHE C 93 -0.58 -27.22 -30.13
CA PHE C 93 -1.45 -26.21 -29.55
C PHE C 93 -1.58 -25.00 -30.47
N VAL C 94 -2.80 -24.42 -30.52
CA VAL C 94 -3.07 -23.23 -31.31
C VAL C 94 -3.48 -22.06 -30.42
N ALA C 95 -4.47 -22.27 -29.56
CA ALA C 95 -5.01 -21.19 -28.73
C ALA C 95 -5.89 -21.78 -27.65
N VAL C 96 -6.06 -21.02 -26.56
CA VAL C 96 -6.92 -21.41 -25.45
C VAL C 96 -7.73 -20.21 -24.99
N ALA C 97 -9.03 -20.37 -24.88
CA ALA C 97 -9.89 -19.37 -24.28
C ALA C 97 -10.30 -19.87 -22.90
N ARG C 98 -9.74 -19.25 -21.86
CA ARG C 98 -10.15 -19.56 -20.50
C ARG C 98 -11.53 -18.95 -20.24
N ARG C 99 -11.99 -19.07 -19.00
CA ARG C 99 -13.29 -18.52 -18.65
C ARG C 99 -13.33 -17.02 -18.94
N SER C 100 -14.54 -16.53 -19.20
CA SER C 100 -14.72 -15.09 -19.42
C SER C 100 -14.18 -14.31 -18.24
N GLY C 101 -13.15 -13.51 -18.49
CA GLY C 101 -12.44 -12.79 -17.45
C GLY C 101 -11.05 -13.30 -17.17
N ASP C 102 -10.73 -14.52 -17.61
CA ASP C 102 -9.41 -15.11 -17.35
C ASP C 102 -8.48 -15.06 -18.57
N GLY C 103 -8.96 -14.56 -19.71
CA GLY C 103 -8.11 -14.25 -20.83
C GLY C 103 -7.87 -15.40 -21.79
N ALA C 104 -7.04 -15.11 -22.78
CA ALA C 104 -6.74 -16.02 -23.87
C ALA C 104 -5.24 -16.11 -24.09
N PHE C 105 -4.78 -17.28 -24.54
CA PHE C 105 -3.36 -17.50 -24.76
C PHE C 105 -3.17 -18.23 -26.08
N TYR C 106 -2.03 -17.98 -26.73
CA TYR C 106 -1.86 -18.32 -28.14
C TYR C 106 -0.50 -18.98 -28.36
N ALA C 107 -0.46 -19.87 -29.33
CA ALA C 107 0.82 -20.35 -29.85
C ALA C 107 1.50 -19.23 -30.64
N ASP C 108 2.83 -19.26 -30.66
CA ASP C 108 3.56 -18.23 -31.36
C ASP C 108 3.36 -18.30 -32.87
N SER C 109 3.01 -19.48 -33.40
CA SER C 109 2.80 -19.62 -34.84
C SER C 109 1.56 -18.88 -35.33
N VAL C 110 0.64 -18.54 -34.43
CA VAL C 110 -0.65 -17.96 -34.80
C VAL C 110 -0.88 -16.62 -34.14
N GLN C 111 0.06 -16.13 -33.33
CA GLN C 111 -0.13 -14.88 -32.61
C GLN C 111 -0.25 -13.73 -33.58
N GLY C 112 -1.30 -12.92 -33.41
CA GLY C 112 -1.49 -11.79 -34.30
C GLY C 112 -2.30 -12.10 -35.53
N ARG C 113 -2.72 -13.35 -35.70
CA ARG C 113 -3.45 -13.78 -36.88
C ARG C 113 -4.74 -14.51 -36.54
N PHE C 114 -4.75 -15.31 -35.48
CA PHE C 114 -5.91 -16.06 -35.03
C PHE C 114 -6.39 -15.47 -33.71
N THR C 115 -7.71 -15.50 -33.51
CA THR C 115 -8.30 -14.99 -32.29
C THR C 115 -9.37 -15.96 -31.82
N VAL C 116 -9.30 -16.35 -30.54
CA VAL C 116 -10.27 -17.25 -29.92
C VAL C 116 -11.32 -16.42 -29.18
N SER C 117 -12.57 -16.87 -29.21
CA SER C 117 -13.64 -16.20 -28.48
C SER C 117 -14.69 -17.22 -28.06
N ARG C 118 -15.56 -16.78 -27.15
CA ARG C 118 -16.59 -17.62 -26.55
C ARG C 118 -17.97 -17.01 -26.76
N ASP C 119 -18.96 -17.86 -27.02
CA ASP C 119 -20.38 -17.50 -26.95
C ASP C 119 -21.00 -18.42 -25.91
N ASP C 120 -20.85 -18.05 -24.62
CA ASP C 120 -21.21 -18.96 -23.55
C ASP C 120 -22.71 -19.27 -23.51
N ALA C 121 -23.55 -18.30 -23.90
CA ALA C 121 -24.99 -18.55 -23.97
C ALA C 121 -25.33 -19.69 -24.93
N LYS C 122 -24.52 -19.88 -25.97
CA LYS C 122 -24.73 -20.93 -26.96
C LYS C 122 -23.76 -22.10 -26.78
N ASN C 123 -22.95 -22.09 -25.73
CA ASN C 123 -22.14 -23.25 -25.33
C ASN C 123 -21.13 -23.57 -26.42
N THR C 124 -20.57 -22.53 -27.01
CA THR C 124 -19.78 -22.59 -28.24
C THR C 124 -18.58 -21.68 -28.07
N VAL C 125 -17.46 -22.05 -28.70
CA VAL C 125 -16.29 -21.18 -28.79
C VAL C 125 -15.84 -21.13 -30.23
N TYR C 126 -15.07 -20.10 -30.57
CA TYR C 126 -14.71 -19.82 -31.95
C TYR C 126 -13.22 -19.59 -32.09
N LEU C 127 -12.72 -19.84 -33.30
CA LEU C 127 -11.37 -19.47 -33.70
C LEU C 127 -11.48 -18.69 -35.01
N GLN C 128 -11.34 -17.36 -34.93
CA GLN C 128 -11.28 -16.52 -36.11
C GLN C 128 -9.87 -16.58 -36.68
N MET C 129 -9.73 -17.00 -37.93
CA MET C 129 -8.43 -17.22 -38.55
C MET C 129 -8.24 -16.26 -39.72
N ASN C 130 -7.43 -15.22 -39.52
CA ASN C 130 -7.11 -14.28 -40.58
C ASN C 130 -5.70 -14.53 -41.10
N SER C 131 -5.43 -14.04 -42.32
CA SER C 131 -4.09 -14.06 -42.92
C SER C 131 -3.54 -15.48 -43.02
N LEU C 132 -4.39 -16.39 -43.47
CA LEU C 132 -4.05 -17.81 -43.54
C LEU C 132 -2.87 -18.06 -44.50
N LYS C 133 -2.03 -19.03 -44.14
CA LYS C 133 -0.82 -19.39 -44.87
C LYS C 133 -0.86 -20.87 -45.19
N PRO C 134 -0.14 -21.31 -46.23
CA PRO C 134 -0.11 -22.76 -46.53
C PRO C 134 0.22 -23.61 -45.30
N GLU C 135 1.13 -23.13 -44.44
CA GLU C 135 1.55 -23.90 -43.27
C GLU C 135 0.40 -24.11 -42.29
N ASP C 136 -0.67 -23.32 -42.40
CA ASP C 136 -1.80 -23.52 -41.51
C ASP C 136 -2.67 -24.70 -41.91
N THR C 137 -2.41 -25.32 -43.06
CA THR C 137 -3.22 -26.45 -43.47
C THR C 137 -3.09 -27.58 -42.45
N ALA C 138 -4.23 -28.13 -42.02
CA ALA C 138 -4.28 -29.11 -40.94
C ALA C 138 -5.72 -29.45 -40.59
N VAL C 139 -5.91 -30.54 -39.87
CA VAL C 139 -7.17 -30.81 -39.19
C VAL C 139 -7.14 -30.07 -37.86
N TYR C 140 -8.18 -29.29 -37.59
CA TYR C 140 -8.25 -28.47 -36.39
C TYR C 140 -9.21 -29.09 -35.39
N TYR C 141 -8.77 -29.20 -34.14
CA TYR C 141 -9.52 -29.85 -33.07
C TYR C 141 -9.75 -28.87 -31.94
N CYS C 142 -10.90 -28.96 -31.29
CA CYS C 142 -11.15 -28.25 -30.06
C CYS C 142 -11.29 -29.24 -28.92
N ALA C 143 -10.92 -28.80 -27.72
CA ALA C 143 -10.85 -29.69 -26.56
C ALA C 143 -11.27 -28.93 -25.32
N ILE C 144 -11.92 -29.64 -24.41
CA ILE C 144 -12.25 -29.13 -23.10
C ILE C 144 -11.07 -29.41 -22.18
N ASP C 145 -10.63 -28.40 -21.44
CA ASP C 145 -9.76 -28.58 -20.27
C ASP C 145 -10.66 -28.91 -19.09
N SER C 146 -10.71 -30.19 -18.73
CA SER C 146 -11.58 -30.66 -17.65
C SER C 146 -11.13 -30.18 -16.28
N ASP C 147 -9.92 -29.62 -16.16
CA ASP C 147 -9.47 -29.06 -14.90
C ASP C 147 -9.80 -27.56 -14.88
N THR C 148 -10.67 -27.18 -13.95
CA THR C 148 -11.07 -25.78 -13.85
C THR C 148 -9.95 -24.90 -13.37
N PHE C 149 -8.89 -25.48 -12.81
CA PHE C 149 -7.70 -24.74 -12.43
C PHE C 149 -6.69 -24.61 -13.57
N TYR C 150 -7.05 -25.06 -14.78
CA TYR C 150 -6.36 -24.75 -16.03
C TYR C 150 -5.05 -25.52 -16.19
N SER C 151 -4.97 -26.73 -15.62
CA SER C 151 -3.76 -27.52 -15.77
C SER C 151 -3.69 -28.27 -17.10
N GLY C 152 -4.73 -28.20 -17.93
CA GLY C 152 -4.66 -28.81 -19.25
C GLY C 152 -5.02 -30.28 -19.27
N SER C 153 -6.09 -30.65 -18.58
CA SER C 153 -6.60 -32.03 -18.59
C SER C 153 -7.60 -32.14 -19.74
N TYR C 154 -7.08 -32.39 -20.94
CA TYR C 154 -7.90 -32.48 -22.15
C TYR C 154 -8.47 -33.88 -22.29
N ASP C 155 -9.64 -34.09 -21.71
CA ASP C 155 -10.30 -35.39 -21.71
C ASP C 155 -11.27 -35.57 -22.87
N TYR C 156 -11.96 -34.51 -23.27
CA TYR C 156 -12.91 -34.56 -24.37
C TYR C 156 -12.42 -33.76 -25.57
N TRP C 157 -12.55 -34.36 -26.76
CA TRP C 157 -12.07 -33.80 -28.01
C TRP C 157 -13.18 -33.86 -29.05
N GLY C 158 -13.25 -32.83 -29.89
CA GLY C 158 -13.98 -32.94 -31.14
C GLY C 158 -13.31 -33.88 -32.14
N GLN C 159 -14.04 -34.12 -33.23
CA GLN C 159 -13.57 -35.01 -34.28
C GLN C 159 -12.70 -34.30 -35.31
N GLY C 160 -12.67 -32.98 -35.30
CA GLY C 160 -11.80 -32.19 -36.14
C GLY C 160 -12.51 -31.70 -37.40
N THR C 161 -11.91 -30.68 -38.02
CA THR C 161 -12.40 -30.14 -39.28
C THR C 161 -11.21 -29.74 -40.14
N GLN C 162 -11.22 -30.16 -41.40
CA GLN C 162 -10.09 -29.90 -42.28
C GLN C 162 -10.05 -28.43 -42.69
N VAL C 163 -8.87 -27.83 -42.60
CA VAL C 163 -8.57 -26.53 -43.19
C VAL C 163 -7.44 -26.70 -44.19
N THR C 164 -7.66 -26.25 -45.43
CA THR C 164 -6.63 -26.36 -46.47
C THR C 164 -6.40 -24.96 -47.03
N VAL C 165 -5.17 -24.46 -46.90
CA VAL C 165 -4.78 -23.14 -47.38
C VAL C 165 -3.88 -23.32 -48.61
N SER C 166 -4.40 -22.94 -49.79
CA SER C 166 -3.75 -22.98 -51.12
C SER C 166 -4.82 -23.26 -52.17
N ILE D 19 -11.88 -9.87 10.83
CA ILE D 19 -12.50 -9.66 9.54
C ILE D 19 -11.65 -10.30 8.43
N GLN D 20 -12.28 -11.14 7.62
CA GLN D 20 -11.60 -11.79 6.50
C GLN D 20 -11.61 -10.88 5.27
N MET D 21 -10.47 -10.83 4.58
CA MET D 21 -10.31 -10.03 3.36
C MET D 21 -9.97 -10.97 2.21
N THR D 22 -10.87 -11.06 1.23
CA THR D 22 -10.75 -11.99 0.12
C THR D 22 -10.54 -11.20 -1.17
N GLN D 23 -9.43 -11.46 -1.85
CA GLN D 23 -9.14 -10.82 -3.12
C GLN D 23 -9.50 -11.77 -4.26
N SER D 24 -9.78 -11.19 -5.44
CA SER D 24 -10.11 -11.96 -6.62
C SER D 24 -9.67 -11.19 -7.85
N PRO D 25 -8.98 -11.85 -8.81
CA PRO D 25 -8.57 -13.24 -8.69
C PRO D 25 -7.30 -13.41 -7.87
N SER D 26 -6.83 -14.65 -7.71
CA SER D 26 -5.57 -14.87 -7.01
C SER D 26 -4.38 -14.47 -7.89
N SER D 27 -4.51 -14.59 -9.21
CA SER D 27 -3.47 -14.17 -10.12
C SER D 27 -4.10 -13.91 -11.48
N LEU D 28 -3.39 -13.13 -12.31
CA LEU D 28 -3.86 -12.86 -13.66
C LEU D 28 -2.66 -12.46 -14.52
N SER D 29 -2.78 -12.73 -15.82
CA SER D 29 -1.77 -12.37 -16.79
C SER D 29 -2.29 -11.24 -17.67
N ALA D 30 -1.43 -10.26 -17.94
CA ALA D 30 -1.80 -9.12 -18.76
C ALA D 30 -0.59 -8.67 -19.56
N SER D 31 -0.84 -7.82 -20.55
CA SER D 31 0.20 -7.24 -21.36
C SER D 31 0.31 -5.75 -21.07
N VAL D 32 1.43 -5.15 -21.47
CA VAL D 32 1.64 -3.73 -21.25
C VAL D 32 0.59 -2.94 -22.04
N GLY D 33 -0.05 -1.99 -21.36
CA GLY D 33 -1.12 -1.20 -21.94
C GLY D 33 -2.51 -1.66 -21.58
N ASP D 34 -2.65 -2.89 -21.08
CA ASP D 34 -3.96 -3.42 -20.75
C ASP D 34 -4.57 -2.69 -19.55
N ARG D 35 -5.88 -2.83 -19.43
CA ARG D 35 -6.64 -2.27 -18.32
C ARG D 35 -6.91 -3.38 -17.30
N VAL D 36 -6.34 -3.25 -16.11
CA VAL D 36 -6.36 -4.31 -15.11
C VAL D 36 -7.28 -3.90 -13.96
N THR D 37 -8.08 -4.85 -13.49
CA THR D 37 -9.03 -4.61 -12.41
C THR D 37 -8.95 -5.76 -11.40
N ILE D 38 -8.62 -5.43 -10.16
CA ILE D 38 -8.58 -6.38 -9.05
C ILE D 38 -9.69 -6.01 -8.07
N THR D 39 -10.36 -7.02 -7.53
CA THR D 39 -11.45 -6.82 -6.58
C THR D 39 -11.03 -7.31 -5.20
N CYS D 40 -11.58 -6.66 -4.18
CA CYS D 40 -11.32 -7.00 -2.78
C CYS D 40 -12.65 -7.02 -2.04
N ARG D 41 -12.89 -8.09 -1.28
CA ARG D 41 -14.17 -8.34 -0.64
C ARG D 41 -13.95 -8.53 0.85
N ALA D 42 -14.79 -7.90 1.66
CA ALA D 42 -14.66 -7.95 3.11
C ALA D 42 -15.80 -8.74 3.71
N SER D 43 -15.49 -9.56 4.73
CA SER D 43 -16.52 -10.36 5.38
C SER D 43 -17.53 -9.50 6.13
N GLN D 44 -17.14 -8.30 6.54
CA GLN D 44 -18.00 -7.38 7.27
C GLN D 44 -17.87 -6.00 6.66
N GLY D 45 -18.85 -5.15 6.93
CA GLY D 45 -18.86 -3.83 6.33
C GLY D 45 -17.81 -2.92 6.97
N ILE D 46 -16.95 -2.33 6.13
CA ILE D 46 -15.83 -1.54 6.62
C ILE D 46 -15.85 -0.13 6.04
N SER D 47 -16.99 0.28 5.50
CA SER D 47 -17.17 1.61 4.92
C SER D 47 -16.07 1.97 3.93
N SER D 48 -15.16 2.88 4.32
CA SER D 48 -14.09 3.32 3.44
C SER D 48 -12.71 3.12 4.04
N ASP D 49 -12.61 2.43 5.18
CA ASP D 49 -11.32 2.21 5.83
C ASP D 49 -10.61 1.02 5.15
N LEU D 50 -10.13 1.27 3.94
CA LEU D 50 -9.45 0.25 3.15
C LEU D 50 -8.24 0.86 2.45
N ALA D 51 -7.19 0.05 2.32
CA ALA D 51 -5.96 0.49 1.66
C ALA D 51 -5.50 -0.58 0.68
N TRP D 52 -4.61 -0.17 -0.23
CA TRP D 52 -4.04 -1.03 -1.26
C TRP D 52 -2.52 -0.91 -1.25
N TYR D 53 -1.84 -2.03 -1.45
CA TYR D 53 -0.38 -2.06 -1.43
C TYR D 53 0.15 -2.82 -2.65
N GLN D 54 1.37 -2.47 -3.05
CA GLN D 54 2.09 -3.15 -4.12
C GLN D 54 3.40 -3.70 -3.57
N GLN D 55 3.69 -4.97 -3.86
CA GLN D 55 4.92 -5.60 -3.41
C GLN D 55 5.58 -6.32 -4.57
N LYS D 56 6.86 -6.08 -4.74
CA LYS D 56 7.78 -6.74 -5.66
C LYS D 56 8.61 -7.77 -4.91
N PRO D 57 9.03 -8.85 -5.57
CA PRO D 57 9.74 -9.94 -4.87
C PRO D 57 10.96 -9.42 -4.12
N GLY D 58 11.04 -9.80 -2.84
CA GLY D 58 12.18 -9.42 -2.02
C GLY D 58 12.23 -7.98 -1.62
N LYS D 59 11.11 -7.27 -1.65
CA LYS D 59 11.07 -5.86 -1.30
C LYS D 59 9.86 -5.59 -0.41
N ALA D 60 9.94 -4.50 0.34
CA ALA D 60 8.86 -4.13 1.23
C ALA D 60 7.66 -3.63 0.42
N PRO D 61 6.44 -3.79 0.94
CA PRO D 61 5.26 -3.27 0.24
C PRO D 61 5.29 -1.75 0.16
N LYS D 62 4.57 -1.21 -0.82
CA LYS D 62 4.44 0.23 -0.99
C LYS D 62 2.97 0.60 -1.06
N LEU D 63 2.58 1.62 -0.31
CA LEU D 63 1.18 2.03 -0.21
C LEU D 63 0.78 2.81 -1.46
N LEU D 64 -0.34 2.40 -2.06
CA LEU D 64 -0.86 3.02 -3.28
C LEU D 64 -2.09 3.88 -3.03
N ILE D 65 -3.10 3.34 -2.34
CA ILE D 65 -4.37 4.03 -2.17
C ILE D 65 -4.85 3.83 -0.74
N TYR D 66 -5.36 4.90 -0.14
CA TYR D 66 -5.99 4.87 1.17
C TYR D 66 -7.39 5.45 1.05
N ASP D 67 -8.20 5.21 2.07
CA ASP D 67 -9.60 5.67 2.11
C ASP D 67 -10.36 5.21 0.85
N ALA D 68 -9.98 4.04 0.34
CA ALA D 68 -10.63 3.37 -0.78
C ALA D 68 -10.38 4.04 -2.12
N SER D 69 -10.23 5.37 -2.14
CA SER D 69 -10.13 6.08 -3.40
C SER D 69 -9.14 7.25 -3.39
N SER D 70 -8.42 7.49 -2.30
CA SER D 70 -7.45 8.57 -2.25
C SER D 70 -6.10 8.05 -2.73
N LEU D 71 -5.53 8.72 -3.73
CA LEU D 71 -4.26 8.28 -4.29
C LEU D 71 -3.11 8.80 -3.45
N GLN D 72 -2.19 7.91 -3.08
CA GLN D 72 -1.04 8.32 -2.28
C GLN D 72 -0.07 9.14 -3.13
N SER D 73 0.62 10.06 -2.45
CA SER D 73 1.59 10.93 -3.14
C SER D 73 2.66 10.10 -3.83
N GLY D 74 3.01 10.52 -5.05
CA GLY D 74 4.03 9.84 -5.82
C GLY D 74 3.53 8.70 -6.69
N VAL D 75 2.27 8.30 -6.54
CA VAL D 75 1.72 7.19 -7.33
C VAL D 75 1.21 7.74 -8.65
N PRO D 76 1.54 7.10 -9.78
CA PRO D 76 1.05 7.60 -11.08
C PRO D 76 -0.47 7.58 -11.16
N SER D 77 -1.01 8.45 -12.02
CA SER D 77 -2.45 8.63 -12.14
C SER D 77 -3.16 7.43 -12.79
N ARG D 78 -2.41 6.48 -13.36
CA ARG D 78 -3.03 5.31 -13.96
C ARG D 78 -3.63 4.38 -12.91
N PHE D 79 -3.35 4.60 -11.64
CA PHE D 79 -3.91 3.81 -10.55
C PHE D 79 -5.12 4.54 -9.96
N SER D 80 -6.15 3.77 -9.61
CA SER D 80 -7.37 4.32 -9.05
C SER D 80 -8.13 3.23 -8.32
N GLY D 81 -8.79 3.62 -7.23
CA GLY D 81 -9.58 2.70 -6.45
C GLY D 81 -10.96 3.26 -6.21
N SER D 82 -11.89 2.36 -5.89
CA SER D 82 -13.27 2.75 -5.66
C SER D 82 -13.96 1.66 -4.85
N GLY D 83 -15.13 1.99 -4.32
CA GLY D 83 -15.93 1.04 -3.57
C GLY D 83 -16.18 1.46 -2.14
N SER D 84 -17.17 0.84 -1.50
CA SER D 84 -17.49 1.12 -0.12
C SER D 84 -18.27 -0.06 0.45
N GLY D 85 -18.23 -0.17 1.78
CA GLY D 85 -18.96 -1.23 2.47
C GLY D 85 -18.22 -2.55 2.54
N THR D 86 -18.49 -3.42 1.56
CA THR D 86 -17.89 -4.74 1.53
C THR D 86 -17.22 -5.10 0.20
N ASP D 87 -17.38 -4.28 -0.84
CA ASP D 87 -16.86 -4.58 -2.16
C ASP D 87 -16.02 -3.41 -2.66
N PHE D 88 -14.75 -3.69 -2.99
CA PHE D 88 -13.79 -2.67 -3.36
C PHE D 88 -13.02 -3.12 -4.60
N THR D 89 -12.66 -2.15 -5.44
CA THR D 89 -11.99 -2.44 -6.70
C THR D 89 -10.76 -1.56 -6.87
N LEU D 90 -9.66 -2.16 -7.29
CA LEU D 90 -8.45 -1.46 -7.69
C LEU D 90 -8.30 -1.55 -9.21
N THR D 91 -7.92 -0.44 -9.84
CA THR D 91 -7.92 -0.37 -11.29
C THR D 91 -6.64 0.30 -11.79
N ILE D 92 -5.98 -0.36 -12.75
CA ILE D 92 -4.87 0.23 -13.49
C ILE D 92 -5.35 0.46 -14.91
N SER D 93 -5.34 1.72 -15.35
CA SER D 93 -5.87 2.05 -16.67
C SER D 93 -4.99 1.49 -17.78
N SER D 94 -3.68 1.72 -17.70
CA SER D 94 -2.73 1.28 -18.71
C SER D 94 -1.55 0.62 -17.99
N LEU D 95 -1.43 -0.69 -18.11
CA LEU D 95 -0.39 -1.43 -17.43
C LEU D 95 0.98 -1.08 -17.99
N GLN D 96 1.92 -0.76 -17.11
CA GLN D 96 3.30 -0.43 -17.46
C GLN D 96 4.24 -1.52 -16.95
N PRO D 97 5.43 -1.65 -17.54
CA PRO D 97 6.34 -2.74 -17.14
C PRO D 97 6.65 -2.80 -15.65
N GLU D 98 6.81 -1.65 -15.00
CA GLU D 98 7.12 -1.64 -13.57
C GLU D 98 5.92 -1.96 -12.69
N ASP D 99 4.76 -2.24 -13.27
CA ASP D 99 3.56 -2.56 -12.49
C ASP D 99 3.38 -4.06 -12.25
N PHE D 100 4.08 -4.91 -13.00
CA PHE D 100 3.97 -6.35 -12.78
C PHE D 100 4.51 -6.68 -11.40
N ALA D 101 3.61 -7.06 -10.49
CA ALA D 101 3.98 -7.37 -9.12
C ALA D 101 2.78 -8.05 -8.45
N THR D 102 2.79 -8.09 -7.11
CA THR D 102 1.69 -8.61 -6.32
C THR D 102 1.05 -7.47 -5.56
N TYR D 103 -0.27 -7.57 -5.36
CA TYR D 103 -1.05 -6.48 -4.80
C TYR D 103 -1.96 -6.99 -3.70
N TYR D 104 -1.99 -6.25 -2.58
CA TYR D 104 -2.73 -6.64 -1.38
C TYR D 104 -3.65 -5.51 -0.97
N CYS D 105 -4.86 -5.88 -0.55
CA CYS D 105 -5.76 -4.94 0.11
C CYS D 105 -5.75 -5.20 1.62
N GLN D 106 -6.06 -4.15 2.37
CA GLN D 106 -6.01 -4.20 3.81
C GLN D 106 -7.14 -3.37 4.37
N GLN D 107 -7.83 -3.88 5.38
CA GLN D 107 -8.78 -3.10 6.14
C GLN D 107 -8.11 -2.53 7.38
N TYR D 108 -8.49 -1.30 7.73
CA TYR D 108 -8.14 -0.71 9.01
C TYR D 108 -9.39 -0.21 9.72
N TRP D 109 -10.54 -0.82 9.40
CA TRP D 109 -11.79 -0.43 10.04
C TRP D 109 -11.80 -0.80 11.50
N TRP D 110 -11.15 -1.91 11.86
CA TRP D 110 -11.05 -2.30 13.26
C TRP D 110 -9.95 -3.32 13.43
N TYR D 111 -9.44 -3.40 14.67
CA TYR D 111 -8.39 -4.33 15.06
C TYR D 111 -8.95 -5.73 15.26
N PRO D 112 -8.16 -6.78 14.95
CA PRO D 112 -6.82 -6.67 14.38
C PRO D 112 -6.84 -6.36 12.89
N PHE D 113 -5.93 -5.51 12.44
CA PHE D 113 -5.85 -5.20 11.01
C PHE D 113 -5.53 -6.47 10.24
N THR D 114 -6.22 -6.66 9.12
CA THR D 114 -6.10 -7.88 8.33
C THR D 114 -5.86 -7.53 6.87
N PHE D 115 -5.01 -8.31 6.23
CA PHE D 115 -4.71 -8.18 4.80
C PHE D 115 -5.52 -9.19 4.00
N GLY D 116 -5.56 -8.96 2.70
CA GLY D 116 -6.02 -9.98 1.78
C GLY D 116 -4.91 -10.97 1.46
N GLN D 117 -5.28 -12.05 0.76
CA GLN D 117 -4.31 -13.08 0.42
C GLN D 117 -3.36 -12.66 -0.69
N GLY D 118 -3.68 -11.62 -1.44
CA GLY D 118 -2.80 -11.12 -2.47
C GLY D 118 -3.27 -11.51 -3.87
N THR D 119 -2.88 -10.68 -4.84
CA THR D 119 -3.15 -10.93 -6.25
C THR D 119 -1.88 -10.62 -7.03
N LYS D 120 -1.37 -11.62 -7.76
CA LYS D 120 -0.15 -11.47 -8.53
C LYS D 120 -0.50 -11.13 -9.98
N VAL D 121 0.06 -10.04 -10.48
CA VAL D 121 -0.16 -9.60 -11.85
C VAL D 121 1.07 -9.95 -12.67
N GLU D 122 0.92 -10.94 -13.54
CA GLU D 122 2.03 -11.48 -14.33
C GLU D 122 1.92 -11.02 -15.78
N ILE D 123 3.03 -11.16 -16.51
CA ILE D 123 3.09 -10.74 -17.90
C ILE D 123 2.66 -11.90 -18.79
N LYS D 124 1.68 -11.64 -19.66
CA LYS D 124 1.19 -12.66 -20.56
C LYS D 124 2.10 -12.79 -21.77
N ARG D 125 2.32 -14.02 -22.22
CA ARG D 125 3.07 -14.30 -23.42
C ARG D 125 2.43 -15.49 -24.11
N THR D 126 3.04 -15.91 -25.22
CA THR D 126 2.54 -17.07 -25.94
C THR D 126 2.76 -18.33 -25.12
N VAL D 127 1.87 -19.31 -25.32
CA VAL D 127 1.99 -20.58 -24.61
C VAL D 127 3.30 -21.27 -25.00
N ALA D 128 3.96 -21.85 -24.02
CA ALA D 128 5.17 -22.64 -24.23
C ALA D 128 5.03 -23.95 -23.49
N ALA D 129 5.26 -25.05 -24.20
CA ALA D 129 5.23 -26.35 -23.55
C ALA D 129 6.52 -26.59 -22.77
N PRO D 130 6.43 -27.31 -21.65
CA PRO D 130 7.63 -27.60 -20.87
C PRO D 130 8.47 -28.69 -21.49
N SER D 131 9.78 -28.51 -21.42
CA SER D 131 10.75 -29.56 -21.74
C SER D 131 10.96 -30.39 -20.48
N VAL D 132 10.48 -31.64 -20.50
CA VAL D 132 10.43 -32.49 -19.32
C VAL D 132 11.67 -33.39 -19.28
N PHE D 133 12.27 -33.47 -18.10
CA PHE D 133 13.45 -34.31 -17.86
C PHE D 133 13.29 -34.97 -16.50
N ILE D 134 13.87 -36.17 -16.37
CA ILE D 134 13.83 -36.93 -15.13
C ILE D 134 15.25 -37.36 -14.78
N PHE D 135 15.57 -37.37 -13.49
CA PHE D 135 16.93 -37.62 -13.02
C PHE D 135 16.91 -38.70 -11.95
N PRO D 136 17.66 -39.78 -12.12
CA PRO D 136 17.78 -40.78 -11.06
C PRO D 136 18.68 -40.28 -9.94
N PRO D 137 18.59 -40.88 -8.75
CA PRO D 137 19.50 -40.48 -7.67
C PRO D 137 20.93 -40.89 -7.97
N SER D 138 21.86 -40.06 -7.53
CA SER D 138 23.27 -40.33 -7.75
C SER D 138 23.73 -41.52 -6.90
N ASP D 139 24.77 -42.20 -7.38
CA ASP D 139 25.36 -43.28 -6.58
C ASP D 139 25.87 -42.76 -5.25
N GLU D 140 26.39 -41.52 -5.23
CA GLU D 140 26.92 -40.95 -4.00
C GLU D 140 25.83 -40.79 -2.95
N GLN D 141 24.62 -40.44 -3.37
CA GLN D 141 23.53 -40.30 -2.42
C GLN D 141 23.04 -41.65 -1.93
N LEU D 142 23.06 -42.67 -2.79
CA LEU D 142 22.60 -44.00 -2.39
C LEU D 142 23.43 -44.57 -1.26
N LYS D 143 24.68 -44.10 -1.11
CA LYS D 143 25.48 -44.49 0.05
C LYS D 143 24.81 -44.05 1.34
N SER D 144 24.28 -42.82 1.36
CA SER D 144 23.68 -42.26 2.57
C SER D 144 22.36 -42.91 2.95
N GLY D 145 21.87 -43.88 2.18
CA GLY D 145 20.65 -44.59 2.51
C GLY D 145 19.38 -43.93 2.05
N THR D 146 19.46 -42.83 1.30
CA THR D 146 18.29 -42.13 0.80
C THR D 146 18.42 -41.95 -0.71
N ALA D 147 17.28 -41.78 -1.37
CA ALA D 147 17.24 -41.63 -2.82
C ALA D 147 16.30 -40.49 -3.18
N SER D 148 16.83 -39.48 -3.86
CA SER D 148 16.05 -38.34 -4.32
C SER D 148 15.93 -38.40 -5.84
N VAL D 149 14.69 -38.49 -6.32
CA VAL D 149 14.39 -38.47 -7.75
C VAL D 149 13.79 -37.11 -8.09
N VAL D 150 14.26 -36.52 -9.19
CA VAL D 150 13.92 -35.14 -9.53
C VAL D 150 13.36 -35.11 -10.94
N CYS D 151 12.23 -34.42 -11.11
CA CYS D 151 11.64 -34.18 -12.42
C CYS D 151 11.63 -32.68 -12.68
N LEU D 152 12.00 -32.30 -13.90
CA LEU D 152 12.19 -30.89 -14.25
C LEU D 152 11.27 -30.53 -15.41
N LEU D 153 10.54 -29.43 -15.24
CA LEU D 153 9.65 -28.89 -16.27
C LEU D 153 10.21 -27.52 -16.64
N ASN D 154 10.87 -27.42 -17.79
CA ASN D 154 11.68 -26.25 -18.12
C ASN D 154 10.98 -25.40 -19.18
N ASN D 155 10.98 -24.07 -18.95
CA ASN D 155 10.56 -23.07 -19.92
C ASN D 155 9.16 -23.36 -20.47
N PHE D 156 8.18 -23.16 -19.60
CA PHE D 156 6.78 -23.37 -19.97
C PHE D 156 5.96 -22.16 -19.54
N TYR D 157 4.80 -22.03 -20.19
CA TYR D 157 3.85 -20.96 -19.90
C TYR D 157 2.50 -21.40 -20.39
N PRO D 158 1.42 -21.16 -19.62
CA PRO D 158 1.40 -20.52 -18.30
C PRO D 158 1.79 -21.43 -17.14
N ARG D 159 1.54 -20.96 -15.92
CA ARG D 159 2.13 -21.61 -14.76
C ARG D 159 1.37 -22.86 -14.36
N GLU D 160 0.09 -22.97 -14.71
CA GLU D 160 -0.74 -24.09 -14.30
C GLU D 160 -0.29 -25.38 -14.96
N ALA D 161 0.00 -26.40 -14.13
CA ALA D 161 0.47 -27.70 -14.60
C ALA D 161 0.33 -28.70 -13.46
N LYS D 162 0.65 -29.96 -13.76
CA LYS D 162 0.36 -31.07 -12.84
C LYS D 162 1.20 -32.30 -13.23
N VAL D 163 2.21 -32.61 -12.41
CA VAL D 163 2.97 -33.85 -12.54
C VAL D 163 2.42 -34.87 -11.55
N GLN D 164 2.33 -36.11 -11.99
CA GLN D 164 2.03 -37.23 -11.12
C GLN D 164 3.17 -38.23 -11.18
N TRP D 165 3.67 -38.66 -10.02
CA TRP D 165 4.73 -39.65 -9.97
C TRP D 165 4.13 -41.04 -10.02
N LYS D 166 4.77 -41.91 -10.80
CA LYS D 166 4.35 -43.32 -10.90
C LYS D 166 5.57 -44.21 -10.75
N VAL D 167 5.57 -45.03 -9.69
CA VAL D 167 6.64 -45.96 -9.38
C VAL D 167 6.11 -47.36 -9.62
N ASP D 168 6.61 -48.03 -10.66
CA ASP D 168 6.05 -49.30 -11.13
C ASP D 168 4.54 -49.15 -11.38
N ASN D 169 4.16 -48.00 -11.95
CA ASN D 169 2.79 -47.59 -12.25
C ASN D 169 1.93 -47.36 -11.01
N ALA D 170 2.50 -47.40 -9.81
CA ALA D 170 1.76 -47.04 -8.62
C ALA D 170 1.84 -45.54 -8.40
N LEU D 171 0.70 -44.92 -8.14
CA LEU D 171 0.68 -43.47 -8.05
C LEU D 171 1.13 -42.99 -6.68
N GLN D 172 1.99 -41.98 -6.68
CA GLN D 172 2.67 -41.52 -5.48
C GLN D 172 1.99 -40.29 -4.92
N SER D 173 2.40 -39.92 -3.70
CA SER D 173 1.81 -38.80 -2.97
C SER D 173 2.42 -38.74 -1.57
N GLY D 174 2.30 -37.57 -0.96
CA GLY D 174 2.78 -37.34 0.39
C GLY D 174 4.29 -37.38 0.47
N ASN D 175 4.93 -37.92 -0.55
CA ASN D 175 6.38 -38.10 -0.59
C ASN D 175 7.03 -37.23 -1.67
N SER D 176 6.35 -36.17 -2.11
CA SER D 176 6.87 -35.31 -3.14
C SER D 176 6.66 -33.85 -2.73
N GLN D 177 7.63 -33.02 -3.09
CA GLN D 177 7.60 -31.58 -2.87
C GLN D 177 7.97 -30.86 -4.15
N GLU D 178 7.52 -29.62 -4.27
CA GLU D 178 7.64 -28.89 -5.52
C GLU D 178 8.15 -27.48 -5.28
N SER D 179 8.68 -26.88 -6.34
CA SER D 179 9.31 -25.57 -6.29
C SER D 179 9.22 -24.94 -7.67
N VAL D 180 8.89 -23.64 -7.72
CA VAL D 180 8.69 -22.93 -8.98
C VAL D 180 9.49 -21.65 -8.98
N THR D 181 10.15 -21.36 -10.10
CA THR D 181 10.87 -20.10 -10.26
C THR D 181 9.89 -18.97 -10.60
N GLU D 182 10.38 -17.74 -10.48
CA GLU D 182 9.64 -16.61 -10.98
C GLU D 182 9.70 -16.59 -12.51
N GLN D 183 8.94 -15.66 -13.10
CA GLN D 183 8.99 -15.50 -14.56
C GLN D 183 10.39 -15.08 -14.98
N ASP D 184 10.92 -15.79 -15.99
CA ASP D 184 12.26 -15.50 -16.47
C ASP D 184 12.33 -14.10 -17.07
N SER D 185 13.42 -13.39 -16.76
CA SER D 185 13.55 -12.02 -17.21
C SER D 185 13.66 -11.91 -18.72
N LYS D 186 14.13 -12.97 -19.39
CA LYS D 186 14.28 -12.96 -20.84
C LYS D 186 13.01 -13.36 -21.57
N ASP D 187 12.43 -14.52 -21.25
CA ASP D 187 11.30 -15.05 -22.01
C ASP D 187 10.00 -15.18 -21.21
N SER D 188 9.97 -14.74 -19.95
CA SER D 188 8.77 -14.71 -19.13
C SER D 188 8.15 -16.10 -18.90
N THR D 189 8.94 -17.15 -19.07
CA THR D 189 8.45 -18.50 -18.81
C THR D 189 8.75 -18.93 -17.39
N TYR D 190 8.17 -20.05 -17.00
CA TYR D 190 8.41 -20.63 -15.69
C TYR D 190 9.21 -21.92 -15.82
N SER D 191 9.79 -22.35 -14.71
CA SER D 191 10.38 -23.67 -14.58
C SER D 191 9.95 -24.26 -13.26
N LEU D 192 9.75 -25.58 -13.25
CA LEU D 192 9.27 -26.27 -12.06
C LEU D 192 10.13 -27.49 -11.80
N SER D 193 10.31 -27.80 -10.51
CA SER D 193 11.08 -28.96 -10.07
C SER D 193 10.28 -29.69 -8.99
N SER D 194 10.09 -30.99 -9.19
CA SER D 194 9.42 -31.85 -8.22
C SER D 194 10.39 -32.92 -7.75
N THR D 195 10.58 -33.01 -6.45
CA THR D 195 11.53 -33.94 -5.84
C THR D 195 10.77 -35.04 -5.12
N LEU D 196 11.04 -36.28 -5.50
CA LEU D 196 10.51 -37.47 -4.83
C LEU D 196 11.59 -38.06 -3.94
N THR D 197 11.29 -38.19 -2.65
CA THR D 197 12.26 -38.65 -1.66
C THR D 197 11.90 -40.05 -1.21
N LEU D 198 12.85 -40.97 -1.30
CA LEU D 198 12.67 -42.36 -0.91
C LEU D 198 13.87 -42.83 -0.10
N SER D 199 13.65 -43.86 0.71
CA SER D 199 14.77 -44.57 1.30
C SER D 199 15.43 -45.45 0.26
N LYS D 200 16.71 -45.77 0.50
CA LYS D 200 17.42 -46.67 -0.41
C LYS D 200 16.68 -48.00 -0.53
N ALA D 201 16.15 -48.51 0.59
CA ALA D 201 15.42 -49.78 0.55
C ALA D 201 14.18 -49.68 -0.33
N ASP D 202 13.41 -48.61 -0.16
CA ASP D 202 12.22 -48.43 -0.98
C ASP D 202 12.59 -48.21 -2.44
N TYR D 203 13.67 -47.46 -2.69
CA TYR D 203 14.08 -47.21 -4.07
C TYR D 203 14.52 -48.49 -4.76
N GLU D 204 15.27 -49.35 -4.06
CA GLU D 204 15.68 -50.62 -4.63
C GLU D 204 14.53 -51.61 -4.77
N LYS D 205 13.37 -51.31 -4.18
CA LYS D 205 12.22 -52.20 -4.25
C LYS D 205 11.47 -52.10 -5.57
N HIS D 206 11.82 -51.14 -6.44
CA HIS D 206 11.03 -50.88 -7.63
C HIS D 206 11.94 -50.57 -8.81
N LYS D 207 11.41 -50.80 -10.01
CA LYS D 207 12.18 -50.75 -11.24
C LYS D 207 11.89 -49.51 -12.08
N VAL D 208 10.62 -49.18 -12.30
CA VAL D 208 10.24 -48.11 -13.21
C VAL D 208 9.84 -46.88 -12.40
N TYR D 209 10.43 -45.73 -12.75
CA TYR D 209 10.11 -44.45 -12.13
C TYR D 209 9.72 -43.47 -13.22
N ALA D 210 8.49 -42.96 -13.16
CA ALA D 210 7.92 -42.17 -14.24
C ALA D 210 7.41 -40.84 -13.71
N CYS D 211 7.52 -39.81 -14.55
CA CYS D 211 7.06 -38.47 -14.25
C CYS D 211 6.12 -38.04 -15.37
N GLU D 212 4.85 -37.85 -15.04
CA GLU D 212 3.80 -37.58 -16.03
C GLU D 212 3.32 -36.14 -15.90
N VAL D 213 3.47 -35.37 -16.98
CA VAL D 213 3.19 -33.94 -16.97
C VAL D 213 1.93 -33.66 -17.79
N THR D 214 1.05 -32.80 -17.26
CA THR D 214 -0.07 -32.26 -18.00
C THR D 214 0.01 -30.74 -17.99
N HIS D 215 -0.22 -30.13 -19.16
CA HIS D 215 -0.17 -28.69 -19.32
C HIS D 215 -1.06 -28.34 -20.51
N GLN D 216 -1.64 -27.13 -20.47
CA GLN D 216 -2.56 -26.73 -21.52
C GLN D 216 -1.90 -26.67 -22.89
N GLY D 217 -0.58 -26.47 -22.94
CA GLY D 217 0.17 -26.46 -24.18
C GLY D 217 0.66 -27.81 -24.64
N LEU D 218 0.37 -28.86 -23.89
CA LEU D 218 0.74 -30.22 -24.25
C LEU D 218 -0.47 -30.92 -24.83
N SER D 219 -0.40 -31.26 -26.12
CA SER D 219 -1.47 -32.00 -26.79
C SER D 219 -1.71 -33.37 -26.17
N SER D 220 -0.82 -33.83 -25.31
CA SER D 220 -0.96 -35.11 -24.64
C SER D 220 -0.24 -35.02 -23.30
N PRO D 221 -0.65 -35.84 -22.32
CA PRO D 221 0.13 -35.93 -21.07
C PRO D 221 1.50 -36.53 -21.34
N VAL D 222 2.54 -35.79 -20.99
CA VAL D 222 3.92 -36.15 -21.30
C VAL D 222 4.52 -36.92 -20.14
N THR D 223 5.10 -38.08 -20.44
CA THR D 223 5.71 -38.95 -19.44
C THR D 223 7.17 -39.19 -19.76
N LYS D 224 8.03 -38.93 -18.78
CA LYS D 224 9.45 -39.28 -18.84
C LYS D 224 9.75 -40.30 -17.74
N SER D 225 10.45 -41.37 -18.11
CA SER D 225 10.71 -42.47 -17.17
C SER D 225 12.12 -42.99 -17.35
N PHE D 226 12.57 -43.76 -16.35
CA PHE D 226 13.83 -44.48 -16.41
C PHE D 226 13.68 -45.78 -15.64
N ASN D 227 14.63 -46.69 -15.84
CA ASN D 227 14.64 -47.98 -15.19
C ASN D 227 15.85 -48.04 -14.26
N ARG D 228 15.60 -48.36 -12.98
CA ARG D 228 16.66 -48.42 -12.00
C ARG D 228 17.69 -49.48 -12.38
N GLY D 229 18.97 -49.11 -12.38
CA GLY D 229 20.03 -49.99 -12.79
C GLY D 229 20.46 -49.84 -14.24
N GLU D 230 20.04 -48.77 -14.91
CA GLU D 230 20.38 -48.57 -16.32
C GLU D 230 20.80 -47.12 -16.57
#